data_8DS6
#
_entry.id   8DS6
#
_entity_poly.entity_id   1
_entity_poly.type   'polypeptide(L)'
_entity_poly.pdbx_seq_one_letter_code
;MSSPEPPTEPPEPDNPTWSTQPTYSNLGQIRAHLLPSKACRLRTPGSLSTNPEPLPPPLPKKILTRTQSLPTRRTLHPSS
IQVQPPRRPFLGSHSVDKSQAAVGPACLPAELTFGPADAPLGLSLRDLHSPEAVHTALAARQLQGLRTIYARLRARLMGG
HPGPCHPGHSFRLLDSSPCAESGDALYYRVVRAHEDAWHILVAKVPKPGADVPHPWGLELQASLSPHFNLQGLCGLVPEG
TLPGAPWRGAVALAAEVPERTVAQWLAEACTQPPEEFVWAVALLLLQLSAALKFLEAWGAALVELRPENLLLVAPRGCAT
TGPPRLLLTDFGRVCLQPPGPPGSPGPHAPQLGSLLRALLSLAAPSTTPLAAGLELLAAQLTRLRPSASRTRGALQALLW
GPGPELRGRGAPLGPWLRALGPWLRVRRGLLVLRLAERAAGGEAPSLEDWLCCEYLAEATESSMGQALALLWDLEGGGGA
DYKDDDDKGPV
;
_entity_poly.pdbx_strand_id   A,B
#
# COMPACT_ATOMS: atom_id res chain seq x y z
N LEU A 128 -13.07 -26.80 5.46
CA LEU A 128 -13.24 -27.80 6.55
C LEU A 128 -13.73 -29.14 5.96
N HIS A 129 -12.83 -30.09 5.65
CA HIS A 129 -13.15 -31.42 5.08
C HIS A 129 -13.83 -31.38 3.69
N SER A 130 -13.84 -30.22 3.04
CA SER A 130 -14.41 -29.96 1.71
C SER A 130 -13.57 -28.87 1.04
N PRO A 131 -12.52 -29.21 0.28
CA PRO A 131 -11.70 -28.23 -0.42
C PRO A 131 -12.51 -27.26 -1.29
N GLU A 132 -13.62 -27.69 -1.89
CA GLU A 132 -14.47 -26.82 -2.71
C GLU A 132 -15.19 -25.75 -1.90
N ALA A 133 -15.68 -26.08 -0.69
CA ALA A 133 -16.26 -25.10 0.22
C ALA A 133 -15.22 -24.05 0.65
N VAL A 134 -13.97 -24.45 0.87
CA VAL A 134 -12.85 -23.54 1.18
C VAL A 134 -12.58 -22.60 -0.01
N HIS A 135 -12.58 -23.13 -1.23
CA HIS A 135 -12.41 -22.36 -2.46
C HIS A 135 -13.52 -21.30 -2.62
N THR A 136 -14.76 -21.65 -2.32
CA THR A 136 -15.90 -20.71 -2.32
C THR A 136 -15.75 -19.63 -1.24
N ALA A 137 -15.40 -20.00 -0.01
CA ALA A 137 -15.16 -19.04 1.07
C ALA A 137 -14.01 -18.08 0.74
N LEU A 138 -12.92 -18.54 0.10
CA LEU A 138 -11.84 -17.65 -0.37
C LEU A 138 -12.32 -16.70 -1.47
N ALA A 139 -13.12 -17.14 -2.45
CA ALA A 139 -13.68 -16.24 -3.45
C ALA A 139 -14.65 -15.22 -2.84
N ALA A 140 -15.48 -15.62 -1.88
CA ALA A 140 -16.40 -14.72 -1.19
C ALA A 140 -15.68 -13.63 -0.38
N ARG A 141 -14.62 -13.96 0.37
CA ARG A 141 -13.87 -12.98 1.16
C ARG A 141 -12.97 -12.08 0.32
N GLN A 142 -12.27 -12.59 -0.69
CA GLN A 142 -11.42 -11.74 -1.55
C GLN A 142 -12.28 -10.82 -2.41
N LEU A 143 -13.50 -11.23 -2.78
CA LEU A 143 -14.43 -10.37 -3.49
C LEU A 143 -15.01 -9.26 -2.59
N GLN A 144 -15.41 -9.59 -1.36
CA GLN A 144 -15.81 -8.57 -0.38
C GLN A 144 -14.68 -7.54 -0.12
N GLY A 145 -13.43 -8.02 0.01
CA GLY A 145 -12.24 -7.17 0.05
C GLY A 145 -12.05 -6.35 -1.22
N LEU A 146 -12.23 -6.95 -2.40
CA LEU A 146 -12.17 -6.23 -3.68
C LEU A 146 -13.17 -5.07 -3.76
N ARG A 147 -14.40 -5.26 -3.29
CA ARG A 147 -15.39 -4.18 -3.22
C ARG A 147 -15.03 -3.12 -2.17
N THR A 148 -14.53 -3.52 -1.01
CA THR A 148 -13.96 -2.60 0.00
C THR A 148 -12.79 -1.80 -0.54
N ILE A 149 -11.87 -2.41 -1.28
CA ILE A 149 -10.74 -1.75 -1.94
C ILE A 149 -11.26 -0.70 -2.93
N TYR A 150 -12.20 -1.08 -3.80
CA TYR A 150 -12.83 -0.18 -4.75
C TYR A 150 -13.54 1.00 -4.05
N ALA A 151 -14.35 0.74 -3.04
CA ALA A 151 -15.07 1.78 -2.29
C ALA A 151 -14.12 2.75 -1.58
N ARG A 152 -13.03 2.27 -0.97
CA ARG A 152 -12.03 3.13 -0.32
C ARG A 152 -11.29 4.01 -1.32
N LEU A 153 -10.88 3.44 -2.44
CA LEU A 153 -10.23 4.19 -3.52
C LEU A 153 -11.19 5.19 -4.16
N ARG A 154 -12.46 4.82 -4.37
CA ARG A 154 -13.48 5.74 -4.92
C ARG A 154 -13.75 6.89 -3.97
N ALA A 155 -13.88 6.64 -2.67
CA ALA A 155 -14.08 7.70 -1.68
C ALA A 155 -12.95 8.74 -1.65
N ARG A 156 -11.68 8.33 -1.73
CA ARG A 156 -10.55 9.26 -1.91
C ARG A 156 -10.53 9.91 -3.28
N LEU A 157 -10.73 9.14 -4.36
CA LEU A 157 -10.76 9.64 -5.73
C LEU A 157 -11.82 10.73 -5.94
N MET A 158 -12.98 10.61 -5.30
CA MET A 158 -14.07 11.59 -5.34
C MET A 158 -14.11 12.57 -4.16
N GLY A 159 -13.10 12.58 -3.31
CA GLY A 159 -13.06 13.46 -2.13
C GLY A 159 -12.60 14.88 -2.44
N GLY A 160 -12.72 15.78 -1.48
CA GLY A 160 -12.28 17.17 -1.63
C GLY A 160 -13.25 18.10 -2.37
N HIS A 161 -14.46 17.65 -2.72
CA HIS A 161 -15.45 18.45 -3.44
C HIS A 161 -15.84 19.68 -2.59
N PRO A 162 -15.74 20.92 -3.09
CA PRO A 162 -16.20 22.10 -2.37
C PRO A 162 -17.73 22.08 -2.14
N GLY A 163 -18.20 22.68 -1.06
CA GLY A 163 -19.64 22.85 -0.83
C GLY A 163 -20.25 23.97 -1.67
N PRO A 164 -21.57 24.14 -1.72
CA PRO A 164 -22.23 25.22 -2.46
C PRO A 164 -21.81 26.62 -2.01
N CYS A 165 -21.77 27.59 -2.93
CA CYS A 165 -21.44 28.98 -2.63
C CYS A 165 -22.53 29.68 -1.80
N HIS A 166 -22.12 30.52 -0.84
CA HIS A 166 -22.99 31.26 0.10
C HIS A 166 -22.66 32.76 0.16
N PRO A 167 -23.59 33.62 0.60
CA PRO A 167 -23.34 35.06 0.73
C PRO A 167 -22.11 35.44 1.56
N GLY A 168 -21.68 34.57 2.48
CA GLY A 168 -20.51 34.80 3.34
C GLY A 168 -19.16 34.47 2.70
N HIS A 169 -19.12 34.10 1.41
CA HIS A 169 -17.89 33.71 0.70
C HIS A 169 -17.27 34.85 -0.10
N SER A 170 -15.96 35.04 0.04
CA SER A 170 -15.19 36.09 -0.64
C SER A 170 -14.40 35.52 -1.82
N PHE A 171 -14.68 36.02 -3.03
CA PHE A 171 -14.13 35.54 -4.30
C PHE A 171 -13.03 36.44 -4.85
N ARG A 172 -11.84 35.88 -5.07
CA ARG A 172 -10.66 36.60 -5.59
C ARG A 172 -9.98 35.81 -6.70
N LEU A 173 -9.43 36.47 -7.71
CA LEU A 173 -8.89 35.84 -8.92
C LEU A 173 -7.50 35.22 -8.67
N LEU A 174 -7.22 34.06 -9.27
CA LEU A 174 -5.86 33.50 -9.33
C LEU A 174 -5.16 33.75 -10.69
N ASP A 175 -5.85 33.53 -11.79
CA ASP A 175 -5.31 33.57 -13.14
C ASP A 175 -5.80 34.80 -13.92
N SER A 176 -4.89 35.73 -14.23
CA SER A 176 -5.17 36.87 -15.10
C SER A 176 -5.34 36.47 -16.57
N SER A 177 -4.93 35.26 -16.95
CA SER A 177 -5.14 34.68 -18.28
C SER A 177 -5.68 33.25 -18.13
N PRO A 178 -6.33 32.66 -19.15
CA PRO A 178 -6.94 31.34 -19.02
C PRO A 178 -6.01 30.25 -18.50
N CYS A 179 -6.39 29.54 -17.44
CA CYS A 179 -5.70 28.33 -17.02
C CYS A 179 -5.91 27.14 -17.99
N ALA A 180 -7.01 27.14 -18.75
CA ALA A 180 -7.28 26.21 -19.84
C ALA A 180 -8.24 26.85 -20.85
N GLU A 181 -8.27 26.32 -22.07
CA GLU A 181 -9.21 26.69 -23.13
C GLU A 181 -9.85 25.44 -23.75
N SER A 182 -11.17 25.41 -23.82
CA SER A 182 -11.95 24.40 -24.52
C SER A 182 -12.49 24.94 -25.84
N GLY A 183 -13.30 24.20 -26.58
CA GLY A 183 -13.93 24.73 -27.80
C GLY A 183 -14.94 25.85 -27.52
N ASP A 184 -15.75 25.74 -26.46
CA ASP A 184 -16.84 26.67 -26.13
C ASP A 184 -16.47 27.81 -25.14
N ALA A 185 -15.43 27.68 -24.31
CA ALA A 185 -15.17 28.62 -23.23
C ALA A 185 -13.69 28.73 -22.82
N LEU A 186 -13.33 29.81 -22.15
CA LEU A 186 -12.06 30.04 -21.47
C LEU A 186 -12.21 29.76 -19.97
N TYR A 187 -11.18 29.23 -19.32
CA TYR A 187 -11.24 28.87 -17.92
C TYR A 187 -10.22 29.64 -17.09
N TYR A 188 -10.63 30.24 -15.98
CA TYR A 188 -9.78 30.96 -15.03
C TYR A 188 -9.97 30.40 -13.64
N ARG A 189 -8.93 30.24 -12.80
CA ARG A 189 -9.14 29.89 -11.39
C ARG A 189 -9.43 31.11 -10.52
N VAL A 190 -10.31 30.89 -9.55
CA VAL A 190 -10.76 31.82 -8.52
C VAL A 190 -10.70 31.09 -7.19
N VAL A 191 -10.25 31.77 -6.13
CA VAL A 191 -10.25 31.25 -4.76
C VAL A 191 -11.49 31.76 -4.07
N ARG A 192 -12.26 30.87 -3.44
CA ARG A 192 -13.44 31.24 -2.67
C ARG A 192 -13.11 31.13 -1.19
N ALA A 193 -12.88 32.24 -0.51
CA ALA A 193 -12.41 32.26 0.88
C ALA A 193 -13.55 32.45 1.90
N HIS A 194 -13.58 31.61 2.92
CA HIS A 194 -14.50 31.67 4.05
C HIS A 194 -13.96 30.87 5.25
N GLU A 195 -14.30 31.29 6.47
CA GLU A 195 -13.92 30.61 7.72
C GLU A 195 -12.40 30.37 7.85
N ASP A 196 -11.61 31.35 7.39
CA ASP A 196 -10.14 31.33 7.36
C ASP A 196 -9.51 30.22 6.49
N ALA A 197 -10.32 29.54 5.68
CA ALA A 197 -9.88 28.59 4.66
C ALA A 197 -10.49 28.99 3.30
N TRP A 198 -10.33 28.16 2.27
CA TRP A 198 -10.86 28.42 0.93
C TRP A 198 -10.89 27.17 0.06
N HIS A 199 -11.65 27.23 -1.03
CA HIS A 199 -11.59 26.27 -2.14
C HIS A 199 -11.20 26.97 -3.45
N ILE A 200 -10.58 26.23 -4.36
CA ILE A 200 -10.26 26.71 -5.71
C ILE A 200 -11.29 26.17 -6.69
N LEU A 201 -12.03 27.09 -7.31
CA LEU A 201 -13.10 26.86 -8.27
C LEU A 201 -12.69 27.50 -9.58
N VAL A 202 -13.27 27.09 -10.70
CA VAL A 202 -12.94 27.66 -12.01
C VAL A 202 -14.11 28.38 -12.63
N ALA A 203 -13.91 29.62 -13.06
CA ALA A 203 -14.92 30.39 -13.78
C ALA A 203 -14.86 30.04 -15.28
N LYS A 204 -15.95 29.53 -15.84
CA LYS A 204 -16.04 29.18 -17.26
C LYS A 204 -16.61 30.35 -18.04
N VAL A 205 -15.80 31.03 -18.85
CA VAL A 205 -16.19 32.23 -19.60
C VAL A 205 -16.43 31.88 -21.08
N PRO A 206 -17.66 31.79 -21.61
CA PRO A 206 -17.89 31.38 -22.99
C PRO A 206 -17.11 32.26 -23.97
N LYS A 207 -16.48 31.67 -25.00
CA LYS A 207 -15.72 32.43 -26.00
C LYS A 207 -16.65 33.39 -26.76
N PRO A 208 -16.23 34.63 -27.07
CA PRO A 208 -17.02 35.54 -27.91
C PRO A 208 -17.44 34.87 -29.22
N GLY A 209 -18.73 34.96 -29.55
CA GLY A 209 -19.30 34.34 -30.75
C GLY A 209 -19.77 32.88 -30.58
N ALA A 210 -19.49 32.23 -29.45
CA ALA A 210 -19.94 30.87 -29.18
C ALA A 210 -21.47 30.77 -29.08
N ASP A 211 -22.05 29.68 -29.60
CA ASP A 211 -23.50 29.42 -29.53
C ASP A 211 -23.85 28.36 -28.48
N VAL A 212 -25.15 28.13 -28.26
CA VAL A 212 -25.69 27.07 -27.41
C VAL A 212 -26.87 26.39 -28.14
N PRO A 213 -26.61 25.36 -28.97
CA PRO A 213 -27.67 24.64 -29.68
C PRO A 213 -28.80 24.09 -28.80
N HIS A 214 -28.52 23.70 -27.55
CA HIS A 214 -29.52 23.13 -26.64
C HIS A 214 -29.41 23.69 -25.22
N PRO A 215 -29.92 24.91 -24.95
CA PRO A 215 -29.85 25.56 -23.63
C PRO A 215 -30.27 24.69 -22.43
N TRP A 216 -31.23 23.77 -22.58
CA TRP A 216 -31.60 22.81 -21.53
C TRP A 216 -30.39 22.04 -20.99
N GLY A 217 -29.40 21.73 -21.82
CA GLY A 217 -28.21 21.05 -21.35
C GLY A 217 -27.44 21.84 -20.30
N LEU A 218 -27.47 23.17 -20.35
CA LEU A 218 -26.86 24.01 -19.31
C LEU A 218 -27.69 24.00 -18.01
N GLU A 219 -29.01 23.97 -18.11
CA GLU A 219 -29.90 23.74 -16.97
C GLU A 219 -29.70 22.34 -16.36
N LEU A 220 -29.39 21.34 -17.17
CA LEU A 220 -29.05 20.01 -16.67
C LEU A 220 -27.74 20.02 -15.89
N GLN A 221 -26.70 20.72 -16.37
CA GLN A 221 -25.41 20.76 -15.69
C GLN A 221 -25.55 21.24 -14.24
N ALA A 222 -26.34 22.27 -14.01
CA ALA A 222 -26.67 22.76 -12.67
C ALA A 222 -27.67 21.87 -11.89
N SER A 223 -28.31 20.87 -12.50
CA SER A 223 -29.27 20.00 -11.81
C SER A 223 -28.63 18.67 -11.38
N LEU A 224 -27.56 18.24 -12.05
CA LEU A 224 -26.90 16.95 -11.80
C LEU A 224 -25.99 16.94 -10.57
N SER A 225 -25.94 15.80 -9.88
CA SER A 225 -24.94 15.54 -8.83
C SER A 225 -23.55 15.28 -9.42
N PRO A 226 -22.46 15.38 -8.62
CA PRO A 226 -21.11 15.03 -9.04
C PRO A 226 -20.95 13.61 -9.60
N HIS A 227 -20.16 13.48 -10.66
CA HIS A 227 -19.83 12.24 -11.36
C HIS A 227 -18.35 12.28 -11.75
N PHE A 228 -17.62 11.17 -11.63
CA PHE A 228 -16.18 11.15 -11.88
C PHE A 228 -15.79 11.81 -13.22
N ASN A 229 -16.51 11.52 -14.31
CA ASN A 229 -16.20 11.96 -15.67
C ASN A 229 -17.04 13.14 -16.21
N LEU A 230 -17.84 13.84 -15.40
CA LEU A 230 -18.65 15.00 -15.82
C LEU A 230 -18.20 16.24 -15.06
N GLN A 231 -18.24 17.42 -15.69
CA GLN A 231 -17.94 18.68 -15.00
C GLN A 231 -19.09 19.16 -14.09
N GLY A 232 -18.84 19.32 -12.79
CA GLY A 232 -19.84 19.82 -11.83
C GLY A 232 -19.74 21.32 -11.61
N LEU A 233 -20.78 21.90 -11.02
CA LEU A 233 -20.84 23.31 -10.64
C LEU A 233 -20.99 23.46 -9.12
N CYS A 234 -20.39 24.47 -8.52
CA CYS A 234 -20.52 24.82 -7.10
C CYS A 234 -21.27 26.13 -6.87
N GLY A 235 -21.81 26.77 -7.91
CA GLY A 235 -22.45 28.07 -7.82
C GLY A 235 -22.07 28.99 -8.97
N LEU A 236 -22.26 30.29 -8.77
CA LEU A 236 -22.04 31.32 -9.77
C LEU A 236 -21.49 32.60 -9.14
N VAL A 237 -20.59 33.31 -9.81
CA VAL A 237 -20.11 34.64 -9.41
C VAL A 237 -20.97 35.66 -10.17
N PRO A 238 -21.84 36.43 -9.51
CA PRO A 238 -22.63 37.47 -10.17
C PRO A 238 -21.80 38.74 -10.41
N GLU A 239 -22.33 39.69 -11.19
CA GLU A 239 -21.68 40.97 -11.42
C GLU A 239 -21.33 41.71 -10.11
N GLY A 240 -20.11 42.22 -10.00
CA GLY A 240 -19.62 42.94 -8.82
C GLY A 240 -19.05 42.08 -7.68
N THR A 241 -18.99 40.75 -7.80
CA THR A 241 -18.53 39.88 -6.70
C THR A 241 -17.04 39.52 -6.82
N LEU A 242 -16.47 39.53 -8.03
CA LEU A 242 -15.05 39.23 -8.27
C LEU A 242 -14.37 40.45 -8.92
N PRO A 243 -13.63 41.30 -8.18
CA PRO A 243 -13.01 42.48 -8.77
C PRO A 243 -11.80 42.09 -9.62
N GLY A 244 -11.53 42.88 -10.67
CA GLY A 244 -10.32 42.76 -11.49
C GLY A 244 -10.30 41.57 -12.44
N ALA A 245 -11.45 41.00 -12.80
CA ALA A 245 -11.53 39.82 -13.65
C ALA A 245 -11.16 40.13 -15.11
N PRO A 246 -10.60 39.18 -15.87
CA PRO A 246 -10.50 39.26 -17.33
C PRO A 246 -11.83 39.35 -18.11
N TRP A 247 -12.98 39.09 -17.48
CA TRP A 247 -14.31 39.10 -18.09
C TRP A 247 -15.29 39.95 -17.28
N ARG A 248 -16.41 40.35 -17.90
CA ARG A 248 -17.52 41.10 -17.28
C ARG A 248 -18.85 40.39 -17.50
N GLY A 249 -19.64 40.25 -16.43
CA GLY A 249 -20.89 39.49 -16.42
C GLY A 249 -20.85 38.27 -15.51
N ALA A 250 -22.01 37.85 -15.01
CA ALA A 250 -22.15 36.67 -14.17
C ALA A 250 -21.60 35.40 -14.83
N VAL A 251 -20.82 34.59 -14.11
CA VAL A 251 -20.15 33.38 -14.61
C VAL A 251 -20.34 32.20 -13.68
N ALA A 252 -20.61 31.01 -14.23
CA ALA A 252 -20.76 29.79 -13.45
C ALA A 252 -19.42 29.32 -12.90
N LEU A 253 -19.41 28.69 -11.73
CA LEU A 253 -18.20 28.15 -11.11
C LEU A 253 -18.18 26.63 -11.25
N ALA A 254 -17.20 26.08 -11.95
CA ALA A 254 -17.01 24.64 -12.04
C ALA A 254 -16.25 24.09 -10.83
N ALA A 255 -16.62 22.91 -10.35
CA ALA A 255 -15.97 22.29 -9.20
C ALA A 255 -14.52 21.85 -9.47
N GLU A 256 -14.24 21.34 -10.68
CA GLU A 256 -12.94 20.81 -11.11
C GLU A 256 -11.97 21.86 -11.67
N VAL A 257 -10.66 21.62 -11.59
CA VAL A 257 -9.62 22.52 -12.15
C VAL A 257 -8.94 21.85 -13.36
N PRO A 258 -9.04 22.40 -14.58
CA PRO A 258 -8.46 21.82 -15.80
C PRO A 258 -6.94 21.93 -15.90
N GLU A 259 -6.32 21.03 -16.67
CA GLU A 259 -4.88 21.12 -17.01
C GLU A 259 -4.65 21.28 -18.51
N ARG A 260 -5.23 20.38 -19.31
CA ARG A 260 -5.11 20.27 -20.77
C ARG A 260 -6.41 19.79 -21.37
N THR A 261 -6.63 20.06 -22.66
CA THR A 261 -7.67 19.40 -23.46
C THR A 261 -7.19 18.05 -23.98
N VAL A 262 -8.07 17.18 -24.47
CA VAL A 262 -7.63 15.95 -25.16
C VAL A 262 -6.81 16.27 -26.41
N ALA A 263 -7.19 17.28 -27.22
CA ALA A 263 -6.39 17.70 -28.36
C ALA A 263 -4.99 18.19 -27.98
N GLN A 264 -4.82 18.93 -26.88
CA GLN A 264 -3.50 19.34 -26.36
C GLN A 264 -2.68 18.15 -25.89
N TRP A 265 -3.29 17.16 -25.24
CA TRP A 265 -2.63 15.89 -24.92
C TRP A 265 -2.19 15.13 -26.17
N LEU A 266 -3.04 14.99 -27.19
CA LEU A 266 -2.66 14.33 -28.45
C LEU A 266 -1.50 15.03 -29.17
N ALA A 267 -1.43 16.35 -29.14
CA ALA A 267 -0.34 17.09 -29.77
C ALA A 267 1.05 16.63 -29.31
N GLU A 268 1.17 16.16 -28.06
CA GLU A 268 2.42 15.63 -27.49
C GLU A 268 2.40 14.09 -27.48
N ALA A 269 1.28 13.49 -27.07
CA ALA A 269 1.13 12.05 -26.92
C ALA A 269 1.32 11.25 -28.22
N CYS A 270 0.99 11.78 -29.39
CA CYS A 270 1.16 11.03 -30.65
C CYS A 270 2.62 10.64 -30.95
N THR A 271 3.59 11.15 -30.18
CA THR A 271 5.02 10.78 -30.26
C THR A 271 5.41 9.55 -29.42
N GLN A 272 4.49 9.00 -28.62
CA GLN A 272 4.73 7.79 -27.81
C GLN A 272 4.87 6.52 -28.70
N PRO A 273 5.56 5.45 -28.22
CA PRO A 273 5.67 4.20 -28.97
C PRO A 273 4.28 3.68 -29.36
N PRO A 274 4.14 2.87 -30.41
CA PRO A 274 2.85 2.42 -30.89
C PRO A 274 1.92 1.94 -29.77
N GLU A 275 2.25 0.84 -29.10
CA GLU A 275 1.37 0.26 -28.07
C GLU A 275 1.17 1.17 -26.85
N GLU A 276 2.19 1.93 -26.42
CA GLU A 276 2.07 2.88 -25.31
C GLU A 276 1.02 3.96 -25.58
N PHE A 277 1.01 4.54 -26.79
CA PHE A 277 0.02 5.55 -27.19
C PHE A 277 -1.39 4.94 -27.26
N VAL A 278 -1.54 3.79 -27.92
CA VAL A 278 -2.84 3.12 -28.12
C VAL A 278 -3.47 2.66 -26.81
N TRP A 279 -2.70 2.09 -25.88
CA TRP A 279 -3.22 1.74 -24.56
C TRP A 279 -3.73 2.99 -23.82
N ALA A 280 -2.95 4.07 -23.79
CA ALA A 280 -3.34 5.30 -23.11
C ALA A 280 -4.67 5.83 -23.66
N VAL A 281 -4.87 5.80 -24.98
CA VAL A 281 -6.13 6.18 -25.63
C VAL A 281 -7.27 5.21 -25.30
N ALA A 282 -7.04 3.90 -25.34
CA ALA A 282 -8.08 2.92 -25.00
C ALA A 282 -8.64 3.11 -23.59
N LEU A 283 -7.82 3.43 -22.59
CA LEU A 283 -8.33 3.73 -21.24
C LEU A 283 -9.09 5.07 -21.16
N LEU A 284 -8.69 6.12 -21.88
CA LEU A 284 -9.47 7.36 -21.95
C LEU A 284 -10.82 7.14 -22.63
N LEU A 285 -10.91 6.27 -23.64
CA LEU A 285 -12.18 5.91 -24.28
C LEU A 285 -13.14 5.19 -23.33
N LEU A 286 -12.64 4.35 -22.43
CA LEU A 286 -13.46 3.69 -21.41
C LEU A 286 -14.09 4.72 -20.46
N GLN A 287 -13.35 5.75 -20.06
CA GLN A 287 -13.89 6.86 -19.27
C GLN A 287 -14.97 7.66 -20.02
N LEU A 288 -14.78 7.92 -21.32
CA LEU A 288 -15.78 8.60 -22.14
C LEU A 288 -17.07 7.79 -22.25
N SER A 289 -16.99 6.47 -22.45
CA SER A 289 -18.16 5.60 -22.51
C SER A 289 -18.96 5.60 -21.22
N ALA A 290 -18.32 5.66 -20.06
CA ALA A 290 -19.01 5.77 -18.75
C ALA A 290 -19.72 7.08 -18.63
N ALA A 291 -19.12 8.20 -19.04
CA ALA A 291 -19.72 9.54 -18.92
C ALA A 291 -20.96 9.45 -19.79
N LEU A 292 -20.89 8.87 -21.00
CA LEU A 292 -22.01 8.73 -21.93
C LEU A 292 -23.09 7.76 -21.45
N LYS A 293 -22.72 6.63 -20.81
CA LYS A 293 -23.68 5.69 -20.20
C LYS A 293 -24.60 6.35 -19.18
N PHE A 294 -24.08 7.24 -18.34
CA PHE A 294 -24.88 7.97 -17.34
C PHE A 294 -25.89 8.73 -18.13
N LEU A 295 -25.49 9.50 -19.16
CA LEU A 295 -26.39 10.33 -19.97
C LEU A 295 -27.43 9.51 -20.73
N GLU A 296 -27.06 8.37 -21.28
CA GLU A 296 -28.02 7.47 -21.94
C GLU A 296 -29.03 6.88 -20.96
N ALA A 297 -28.62 6.45 -19.76
CA ALA A 297 -29.54 6.03 -18.72
C ALA A 297 -30.39 7.21 -18.22
N TRP A 298 -29.84 8.42 -18.11
CA TRP A 298 -30.57 9.64 -17.75
C TRP A 298 -31.71 9.98 -18.72
N GLY A 299 -31.46 9.92 -20.02
CA GLY A 299 -32.42 10.27 -21.07
C GLY A 299 -32.00 11.46 -21.93
N ALA A 300 -30.70 11.69 -22.09
CA ALA A 300 -30.13 12.79 -22.88
C ALA A 300 -28.88 12.33 -23.65
N ALA A 301 -28.51 13.04 -24.72
CA ALA A 301 -27.36 12.70 -25.55
C ALA A 301 -26.67 13.92 -26.17
N LEU A 302 -25.40 13.78 -26.55
CA LEU A 302 -24.66 14.79 -27.32
C LEU A 302 -24.96 14.67 -28.80
N VAL A 303 -25.16 15.79 -29.49
CA VAL A 303 -25.35 15.78 -30.94
C VAL A 303 -24.05 15.57 -31.72
N GLU A 304 -22.89 15.92 -31.16
CA GLU A 304 -21.55 15.71 -31.74
C GLU A 304 -20.49 15.47 -30.66
N LEU A 305 -19.40 14.74 -30.98
CA LEU A 305 -18.22 14.57 -30.11
C LEU A 305 -17.10 15.49 -30.58
N ARG A 306 -16.60 16.37 -29.71
CA ARG A 306 -15.57 17.37 -30.00
C ARG A 306 -14.42 17.27 -29.01
N PRO A 307 -13.28 16.65 -29.33
CA PRO A 307 -12.17 16.51 -28.38
C PRO A 307 -11.75 17.83 -27.72
N GLU A 308 -11.90 18.97 -28.38
CA GLU A 308 -11.55 20.28 -27.80
C GLU A 308 -12.41 20.68 -26.60
N ASN A 309 -13.58 20.06 -26.38
CA ASN A 309 -14.39 20.23 -25.18
C ASN A 309 -14.29 19.03 -24.21
N LEU A 310 -13.32 18.12 -24.40
CA LEU A 310 -12.97 17.06 -23.46
C LEU A 310 -11.71 17.48 -22.71
N LEU A 311 -11.78 17.67 -21.39
CA LEU A 311 -10.65 18.14 -20.59
C LEU A 311 -10.07 17.03 -19.73
N LEU A 312 -8.76 17.09 -19.50
CA LEU A 312 -8.00 16.13 -18.72
C LEU A 312 -7.36 16.83 -17.51
N VAL A 313 -7.42 16.20 -16.35
CA VAL A 313 -6.82 16.61 -15.08
C VAL A 313 -6.17 15.39 -14.41
N ALA A 314 -5.21 15.57 -13.51
CA ALA A 314 -4.69 14.46 -12.72
C ALA A 314 -5.80 13.87 -11.82
N PRO A 315 -5.89 12.55 -11.64
CA PRO A 315 -6.85 11.95 -10.70
C PRO A 315 -6.43 12.19 -9.25
N ARG A 316 -7.40 12.33 -8.34
CA ARG A 316 -7.15 12.55 -6.90
C ARG A 316 -6.78 11.26 -6.18
N GLY A 317 -5.67 11.29 -5.43
CA GLY A 317 -5.26 10.20 -4.53
C GLY A 317 -4.61 9.01 -5.25
N CYS A 318 -4.45 9.06 -6.57
CA CYS A 318 -3.90 8.00 -7.40
C CYS A 318 -2.45 8.30 -7.81
N ALA A 319 -1.69 7.28 -8.22
CA ALA A 319 -0.31 7.46 -8.67
C ALA A 319 -0.18 8.52 -9.79
N THR A 320 0.81 9.41 -9.69
CA THR A 320 1.01 10.56 -10.60
C THR A 320 1.49 10.19 -12.00
N THR A 321 1.95 8.96 -12.24
CA THR A 321 2.37 8.52 -13.58
C THR A 321 1.31 7.74 -14.36
N GLY A 322 0.11 7.52 -13.80
CA GLY A 322 -0.99 6.84 -14.50
C GLY A 322 -1.76 7.78 -15.45
N PRO A 323 -2.89 7.33 -16.02
CA PRO A 323 -3.72 8.10 -16.95
C PRO A 323 -4.46 9.26 -16.24
N PRO A 324 -4.78 10.36 -16.95
CA PRO A 324 -5.54 11.47 -16.39
C PRO A 324 -7.04 11.12 -16.23
N ARG A 325 -7.74 11.90 -15.42
CA ARG A 325 -9.21 11.87 -15.26
C ARG A 325 -9.86 12.63 -16.43
N LEU A 326 -10.86 12.09 -17.10
CA LEU A 326 -11.54 12.72 -18.24
C LEU A 326 -12.80 13.45 -17.78
N LEU A 327 -12.94 14.74 -18.12
CA LEU A 327 -14.13 15.54 -17.84
C LEU A 327 -14.84 15.99 -19.11
N LEU A 328 -16.15 15.74 -19.18
CA LEU A 328 -16.98 16.25 -20.27
C LEU A 328 -17.57 17.62 -19.88
N THR A 329 -17.36 18.64 -20.71
CA THR A 329 -17.81 20.02 -20.43
C THR A 329 -18.84 20.59 -21.40
N ASP A 330 -19.08 19.95 -22.56
CA ASP A 330 -19.91 20.50 -23.63
C ASP A 330 -21.40 20.27 -23.41
N PHE A 331 -21.96 20.92 -22.39
CA PHE A 331 -23.38 20.78 -22.09
C PHE A 331 -24.28 21.55 -23.05
N GLY A 332 -23.80 22.56 -23.77
CA GLY A 332 -24.58 23.24 -24.80
C GLY A 332 -25.03 22.35 -25.98
N ARG A 333 -24.47 21.14 -26.13
CA ARG A 333 -24.80 20.13 -27.15
C ARG A 333 -25.56 18.92 -26.60
N VAL A 334 -25.93 18.90 -25.33
CA VAL A 334 -26.70 17.82 -24.71
C VAL A 334 -28.19 18.14 -24.78
N CYS A 335 -29.00 17.23 -25.30
CA CYS A 335 -30.44 17.39 -25.47
C CYS A 335 -31.23 16.15 -25.00
N LEU A 336 -32.48 16.33 -24.60
CA LEU A 336 -33.34 15.22 -24.20
C LEU A 336 -33.53 14.23 -25.35
N GLN A 337 -33.28 12.95 -25.11
CA GLN A 337 -33.35 11.88 -26.10
C GLN A 337 -33.90 10.62 -25.43
N PRO A 338 -35.21 10.37 -25.45
CA PRO A 338 -35.80 9.21 -24.77
C PRO A 338 -35.10 7.90 -25.20
N PRO A 339 -34.80 6.96 -24.29
CA PRO A 339 -34.12 5.70 -24.65
C PRO A 339 -34.73 4.89 -25.80
N GLY A 340 -36.05 4.93 -26.02
CA GLY A 340 -36.71 4.16 -27.08
C GLY A 340 -36.99 2.68 -26.75
N PRO A 341 -37.37 1.86 -27.75
CA PRO A 341 -37.72 0.45 -27.55
C PRO A 341 -36.50 -0.42 -27.18
N PRO A 342 -36.69 -1.63 -26.60
CA PRO A 342 -35.59 -2.51 -26.21
C PRO A 342 -34.63 -2.95 -27.34
N GLY A 343 -35.05 -2.89 -28.60
CA GLY A 343 -34.21 -3.21 -29.77
C GLY A 343 -33.53 -2.01 -30.45
N SER A 344 -33.59 -0.81 -29.86
CA SER A 344 -33.05 0.43 -30.46
C SER A 344 -31.51 0.45 -30.55
N PRO A 345 -30.90 1.22 -31.49
CA PRO A 345 -29.45 1.44 -31.54
C PRO A 345 -28.94 2.39 -30.45
N GLY A 346 -27.65 2.29 -30.09
CA GLY A 346 -26.98 3.24 -29.20
C GLY A 346 -26.82 4.63 -29.84
N PRO A 347 -27.36 5.71 -29.25
CA PRO A 347 -27.39 7.02 -29.88
C PRO A 347 -26.01 7.63 -30.20
N HIS A 348 -24.95 7.22 -29.49
CA HIS A 348 -23.58 7.70 -29.73
C HIS A 348 -22.68 6.72 -30.50
N ALA A 349 -23.15 5.53 -30.88
CA ALA A 349 -22.31 4.52 -31.50
C ALA A 349 -21.63 4.97 -32.81
N PRO A 350 -22.30 5.60 -33.79
CA PRO A 350 -21.64 6.03 -35.02
C PRO A 350 -20.72 7.24 -34.82
N GLN A 351 -20.96 8.06 -33.79
CA GLN A 351 -20.04 9.13 -33.37
C GLN A 351 -18.75 8.56 -32.76
N LEU A 352 -18.85 7.53 -31.90
CA LEU A 352 -17.68 6.84 -31.33
C LEU A 352 -16.93 6.02 -32.39
N GLY A 353 -17.61 5.37 -33.33
CA GLY A 353 -16.95 4.65 -34.42
C GLY A 353 -16.04 5.52 -35.29
N SER A 354 -16.54 6.63 -35.81
CA SER A 354 -15.78 7.61 -36.59
C SER A 354 -14.68 8.30 -35.77
N LEU A 355 -14.98 8.71 -34.54
CA LEU A 355 -14.00 9.32 -33.64
C LEU A 355 -12.89 8.34 -33.30
N LEU A 356 -13.23 7.08 -33.04
CA LEU A 356 -12.28 6.00 -32.74
C LEU A 356 -11.31 5.76 -33.91
N ARG A 357 -11.80 5.70 -35.15
CA ARG A 357 -10.93 5.63 -36.34
C ARG A 357 -10.05 6.86 -36.55
N ALA A 358 -10.56 8.07 -36.37
CA ALA A 358 -9.74 9.27 -36.44
C ALA A 358 -8.65 9.28 -35.36
N LEU A 359 -8.97 8.87 -34.12
CA LEU A 359 -7.97 8.77 -33.05
C LEU A 359 -6.95 7.67 -33.33
N LEU A 360 -7.39 6.51 -33.82
CA LEU A 360 -6.48 5.43 -34.20
C LEU A 360 -5.54 5.78 -35.36
N SER A 361 -5.97 6.60 -36.32
CA SER A 361 -5.10 7.04 -37.42
C SER A 361 -3.91 7.90 -36.93
N LEU A 362 -3.95 8.40 -35.69
CA LEU A 362 -2.86 9.13 -35.06
C LEU A 362 -1.77 8.24 -34.43
N ALA A 363 -2.05 6.96 -34.19
CA ALA A 363 -1.11 6.02 -33.58
C ALA A 363 -0.05 5.54 -34.58
N ALA A 364 1.16 5.25 -34.10
CA ALA A 364 2.17 4.53 -34.88
C ALA A 364 1.70 3.08 -35.15
N PRO A 365 2.03 2.46 -36.29
CA PRO A 365 1.61 1.08 -36.57
C PRO A 365 2.13 0.07 -35.54
N SER A 366 1.29 -0.93 -35.27
CA SER A 366 1.56 -2.08 -34.39
C SER A 366 0.81 -3.32 -34.89
N THR A 367 1.23 -4.50 -34.43
CA THR A 367 0.60 -5.80 -34.73
C THR A 367 -0.11 -6.42 -33.52
N THR A 368 -0.12 -5.75 -32.37
CA THR A 368 -0.68 -6.22 -31.09
C THR A 368 -2.20 -6.43 -31.18
N PRO A 369 -2.80 -7.43 -30.50
CA PRO A 369 -4.25 -7.58 -30.43
C PRO A 369 -5.02 -6.34 -29.99
N LEU A 370 -4.44 -5.48 -29.14
CA LEU A 370 -5.07 -4.24 -28.70
C LEU A 370 -5.47 -3.33 -29.87
N ALA A 371 -4.56 -2.97 -30.76
CA ALA A 371 -4.88 -2.15 -31.92
C ALA A 371 -5.81 -2.86 -32.90
N ALA A 372 -5.65 -4.17 -33.08
CA ALA A 372 -6.52 -4.96 -33.95
C ALA A 372 -7.98 -4.99 -33.44
N GLY A 373 -8.20 -5.15 -32.14
CA GLY A 373 -9.53 -5.10 -31.54
C GLY A 373 -10.19 -3.73 -31.62
N LEU A 374 -9.44 -2.64 -31.42
CA LEU A 374 -9.97 -1.28 -31.53
C LEU A 374 -10.42 -0.94 -32.96
N GLU A 375 -9.70 -1.34 -34.00
CA GLU A 375 -10.17 -1.17 -35.37
C GLU A 375 -11.42 -1.99 -35.71
N LEU A 376 -11.53 -3.24 -35.28
CA LEU A 376 -12.77 -4.02 -35.43
C LEU A 376 -13.93 -3.37 -34.67
N LEU A 377 -13.72 -2.93 -33.42
CA LEU A 377 -14.77 -2.29 -32.64
C LEU A 377 -15.32 -1.04 -33.32
N ALA A 378 -14.48 -0.22 -33.97
CA ALA A 378 -14.92 0.90 -34.78
C ALA A 378 -15.88 0.53 -35.91
N ALA A 379 -15.62 -0.57 -36.62
CA ALA A 379 -16.53 -1.11 -37.62
C ALA A 379 -17.83 -1.61 -36.96
N GLN A 380 -17.74 -2.25 -35.79
CA GLN A 380 -18.92 -2.70 -35.04
C GLN A 380 -19.76 -1.54 -34.51
N LEU A 381 -19.17 -0.42 -34.08
CA LEU A 381 -19.90 0.76 -33.60
C LEU A 381 -20.78 1.38 -34.68
N THR A 382 -20.30 1.42 -35.92
CA THR A 382 -21.11 1.93 -37.04
C THR A 382 -22.01 0.88 -37.68
N ARG A 383 -21.68 -0.41 -37.58
CA ARG A 383 -22.42 -1.52 -38.20
C ARG A 383 -23.52 -2.09 -37.30
N LEU A 384 -23.26 -2.35 -36.02
CA LEU A 384 -24.20 -2.95 -35.07
C LEU A 384 -24.91 -1.96 -34.16
N ARG A 385 -24.28 -0.82 -33.85
CA ARG A 385 -24.82 0.29 -33.02
C ARG A 385 -25.17 -0.12 -31.57
N PRO A 386 -24.21 -0.62 -30.78
CA PRO A 386 -24.42 -0.98 -29.37
C PRO A 386 -24.57 0.25 -28.46
N SER A 387 -25.20 0.07 -27.31
CA SER A 387 -25.29 1.10 -26.26
C SER A 387 -23.95 1.38 -25.56
N ALA A 388 -23.84 2.48 -24.82
CA ALA A 388 -22.63 2.80 -24.07
C ALA A 388 -22.27 1.69 -23.06
N SER A 389 -23.22 1.03 -22.41
CA SER A 389 -22.94 -0.09 -21.49
C SER A 389 -22.41 -1.34 -22.20
N ARG A 390 -22.92 -1.69 -23.39
CA ARG A 390 -22.35 -2.76 -24.23
C ARG A 390 -20.96 -2.40 -24.77
N THR A 391 -20.73 -1.12 -25.08
CA THR A 391 -19.40 -0.65 -25.52
C THR A 391 -18.34 -0.80 -24.42
N ARG A 392 -18.64 -0.42 -23.18
CA ARG A 392 -17.73 -0.58 -22.03
C ARG A 392 -17.39 -2.06 -21.80
N GLY A 393 -18.36 -2.95 -21.92
CA GLY A 393 -18.14 -4.41 -21.80
C GLY A 393 -17.11 -4.96 -22.79
N ALA A 394 -17.29 -4.76 -24.10
CA ALA A 394 -16.31 -5.22 -25.08
C ALA A 394 -14.95 -4.56 -24.94
N LEU A 395 -14.87 -3.27 -24.62
CA LEU A 395 -13.60 -2.57 -24.44
C LEU A 395 -12.84 -3.10 -23.22
N GLN A 396 -13.52 -3.32 -22.09
CA GLN A 396 -12.91 -3.90 -20.90
C GLN A 396 -12.43 -5.33 -21.15
N ALA A 397 -13.21 -6.12 -21.90
CA ALA A 397 -12.83 -7.44 -22.34
C ALA A 397 -11.60 -7.45 -23.24
N LEU A 398 -11.45 -6.48 -24.15
CA LEU A 398 -10.22 -6.30 -24.93
C LEU A 398 -9.02 -5.89 -24.06
N LEU A 399 -9.21 -4.98 -23.11
CA LEU A 399 -8.15 -4.52 -22.22
C LEU A 399 -7.66 -5.60 -21.25
N TRP A 400 -8.55 -6.43 -20.71
CA TRP A 400 -8.23 -7.46 -19.70
C TRP A 400 -8.84 -8.84 -19.96
N GLY A 401 -9.92 -8.90 -20.71
CA GLY A 401 -10.77 -10.08 -20.79
C GLY A 401 -10.11 -11.28 -21.44
N PRO A 402 -10.82 -12.41 -21.42
CA PRO A 402 -10.34 -13.66 -21.97
C PRO A 402 -10.45 -13.67 -23.49
N GLY A 403 -9.93 -14.69 -24.15
CA GLY A 403 -10.16 -14.86 -25.59
C GLY A 403 -11.53 -15.49 -25.90
N PRO A 404 -11.90 -15.62 -27.17
CA PRO A 404 -13.23 -16.11 -27.56
C PRO A 404 -13.47 -17.58 -27.20
N GLU A 405 -12.42 -18.34 -26.84
CA GLU A 405 -12.51 -19.80 -26.56
C GLU A 405 -13.42 -20.13 -25.40
N LEU A 406 -13.73 -19.24 -24.45
CA LEU A 406 -14.60 -19.54 -23.30
C LEU A 406 -16.08 -19.23 -23.55
N ALA A 419 -17.26 -21.78 -17.85
CA ALA A 419 -16.03 -21.53 -18.60
C ALA A 419 -15.40 -20.22 -18.15
N LEU A 420 -16.18 -19.13 -18.06
CA LEU A 420 -15.70 -17.78 -17.75
C LEU A 420 -15.47 -17.59 -16.26
N GLY A 421 -16.21 -18.30 -15.41
CA GLY A 421 -16.13 -18.10 -13.95
C GLY A 421 -14.72 -18.34 -13.49
N PRO A 422 -14.13 -19.53 -13.71
CA PRO A 422 -12.81 -19.80 -13.22
C PRO A 422 -11.82 -18.69 -13.63
N TRP A 423 -11.91 -18.18 -14.85
CA TRP A 423 -11.02 -17.11 -15.37
C TRP A 423 -11.19 -15.84 -14.55
N LEU A 424 -12.39 -15.38 -14.29
CA LEU A 424 -12.58 -14.12 -13.55
C LEU A 424 -12.10 -14.30 -12.13
N ARG A 425 -12.39 -15.43 -11.47
CA ARG A 425 -11.93 -15.71 -10.09
C ARG A 425 -10.40 -15.71 -9.98
N VAL A 426 -9.68 -16.28 -10.94
CA VAL A 426 -8.21 -16.18 -10.98
C VAL A 426 -7.76 -14.72 -11.20
N ARG A 427 -8.34 -13.97 -12.15
CA ARG A 427 -7.90 -12.56 -12.41
C ARG A 427 -8.21 -11.62 -11.26
N ARG A 428 -9.31 -11.78 -10.56
CA ARG A 428 -9.64 -10.94 -9.39
C ARG A 428 -8.56 -11.19 -8.35
N GLY A 429 -8.19 -12.44 -8.06
CA GLY A 429 -7.13 -12.79 -7.10
C GLY A 429 -5.74 -12.27 -7.51
N LEU A 430 -5.40 -12.31 -8.80
CA LEU A 430 -4.11 -11.80 -9.29
C LEU A 430 -3.97 -10.27 -9.15
N LEU A 431 -5.01 -9.47 -9.34
CA LEU A 431 -4.91 -8.00 -9.17
C LEU A 431 -4.65 -7.73 -7.71
N VAL A 432 -5.32 -8.39 -6.77
CA VAL A 432 -5.08 -8.19 -5.33
C VAL A 432 -3.64 -8.50 -4.96
N LEU A 433 -3.06 -9.59 -5.47
CA LEU A 433 -1.63 -9.91 -5.30
C LEU A 433 -0.71 -8.84 -5.88
N ARG A 434 -0.96 -8.32 -7.09
CA ARG A 434 -0.15 -7.25 -7.68
C ARG A 434 -0.20 -5.98 -6.82
N LEU A 435 -1.36 -5.66 -6.26
CA LEU A 435 -1.53 -4.48 -5.40
C LEU A 435 -0.73 -4.64 -4.11
N ALA A 436 -0.74 -5.82 -3.50
CA ALA A 436 0.05 -6.14 -2.32
C ALA A 436 1.57 -6.17 -2.62
N GLU A 437 1.99 -6.74 -3.74
CA GLU A 437 3.41 -6.77 -4.14
C GLU A 437 3.98 -5.36 -4.34
N ARG A 438 3.23 -4.45 -4.97
CA ARG A 438 3.72 -3.06 -5.19
C ARG A 438 3.63 -2.24 -3.90
N ALA A 439 2.64 -2.46 -3.04
CA ALA A 439 2.52 -1.76 -1.75
C ALA A 439 3.77 -2.02 -0.93
N ALA A 440 4.34 -3.22 -1.02
CA ALA A 440 5.54 -3.60 -0.29
C ALA A 440 6.69 -2.67 -0.66
N GLY A 441 6.67 -2.13 -1.88
CA GLY A 441 7.70 -1.21 -2.38
C GLY A 441 7.34 0.23 -2.10
N GLY A 442 6.19 0.50 -1.47
CA GLY A 442 5.72 1.87 -1.18
C GLY A 442 5.11 2.49 -2.41
N GLU A 443 4.64 1.70 -3.37
CA GLU A 443 4.03 2.17 -4.65
C GLU A 443 2.52 2.38 -4.52
N ALA A 444 1.96 3.49 -4.99
CA ALA A 444 0.52 3.71 -4.94
C ALA A 444 -0.18 3.03 -6.14
N PRO A 445 -1.45 2.57 -6.01
CA PRO A 445 -2.25 2.18 -7.16
C PRO A 445 -2.52 3.37 -8.08
N SER A 446 -2.67 3.13 -9.37
CA SER A 446 -3.00 4.17 -10.35
C SER A 446 -4.50 4.17 -10.66
N LEU A 447 -4.98 5.21 -11.35
CA LEU A 447 -6.37 5.23 -11.81
C LEU A 447 -6.69 4.01 -12.68
N GLU A 448 -5.77 3.53 -13.52
CA GLU A 448 -6.00 2.30 -14.29
C GLU A 448 -6.29 1.09 -13.41
N ASP A 449 -5.73 1.04 -12.19
CA ASP A 449 -5.95 -0.09 -11.29
C ASP A 449 -7.32 0.00 -10.61
N TRP A 450 -7.76 1.22 -10.27
CA TRP A 450 -9.11 1.44 -9.80
C TRP A 450 -10.15 1.11 -10.86
N LEU A 451 -9.95 1.53 -12.12
CA LEU A 451 -10.82 1.15 -13.22
C LEU A 451 -10.78 -0.36 -13.51
N CYS A 452 -9.63 -1.02 -13.40
CA CYS A 452 -9.51 -2.49 -13.57
C CYS A 452 -10.27 -3.22 -12.47
N CYS A 453 -10.10 -2.83 -11.21
CA CYS A 453 -10.75 -3.47 -10.08
C CYS A 453 -12.27 -3.24 -10.14
N GLU A 454 -12.70 -2.12 -10.69
CA GLU A 454 -14.11 -1.86 -10.98
C GLU A 454 -14.69 -2.83 -12.04
N TYR A 455 -14.01 -3.06 -13.17
CA TYR A 455 -14.41 -4.03 -14.19
C TYR A 455 -14.45 -5.40 -13.58
N LEU A 456 -13.38 -5.84 -12.91
CA LEU A 456 -13.35 -7.23 -12.39
C LEU A 456 -14.41 -7.43 -11.32
N ALA A 457 -14.64 -6.48 -10.41
CA ALA A 457 -15.70 -6.56 -9.42
C ALA A 457 -17.12 -6.57 -10.02
N GLU A 458 -17.36 -5.87 -11.13
CA GLU A 458 -18.70 -5.78 -11.76
C GLU A 458 -18.85 -6.85 -12.85
N ALA A 459 -17.77 -7.42 -13.36
CA ALA A 459 -17.80 -8.43 -14.42
C ALA A 459 -18.60 -9.64 -14.00
N THR A 460 -19.44 -10.19 -14.88
CA THR A 460 -20.18 -11.46 -14.72
C THR A 460 -20.07 -12.32 -15.97
N GLU A 461 -20.50 -13.58 -15.95
CA GLU A 461 -20.48 -14.46 -17.12
C GLU A 461 -21.40 -13.99 -18.26
N SER A 462 -22.59 -13.45 -17.94
CA SER A 462 -23.51 -12.88 -18.94
C SER A 462 -22.95 -11.59 -19.53
N SER A 463 -22.30 -10.74 -18.72
CA SER A 463 -21.65 -9.51 -19.19
C SER A 463 -20.43 -9.78 -20.07
N MET A 464 -19.58 -10.73 -19.67
CA MET A 464 -18.45 -11.16 -20.49
C MET A 464 -18.88 -11.87 -21.76
N GLY A 465 -19.99 -12.63 -21.75
CA GLY A 465 -20.56 -13.22 -22.95
C GLY A 465 -20.92 -12.16 -23.99
N GLN A 466 -21.64 -11.11 -23.60
CA GLN A 466 -21.92 -9.97 -24.47
C GLN A 466 -20.65 -9.24 -24.94
N ALA A 467 -19.68 -8.98 -24.06
CA ALA A 467 -18.43 -8.34 -24.42
C ALA A 467 -17.64 -9.12 -25.48
N LEU A 468 -17.52 -10.43 -25.32
CA LEU A 468 -16.85 -11.30 -26.29
C LEU A 468 -17.60 -11.35 -27.61
N ALA A 469 -18.93 -11.47 -27.58
CA ALA A 469 -19.76 -11.56 -28.77
C ALA A 469 -19.50 -10.42 -29.78
N LEU A 470 -19.32 -9.18 -29.34
CA LEU A 470 -18.92 -8.08 -30.23
C LEU A 470 -17.49 -8.23 -30.75
N LEU A 471 -16.58 -8.77 -29.93
CA LEU A 471 -15.16 -8.85 -30.27
C LEU A 471 -14.85 -9.90 -31.34
N TRP A 472 -15.55 -11.05 -31.37
CA TRP A 472 -15.33 -12.10 -32.38
C TRP A 472 -16.51 -12.30 -33.35
N ASP A 473 -17.72 -11.91 -32.96
CA ASP A 473 -18.95 -11.88 -33.75
C ASP A 473 -19.06 -12.85 -34.94
N SER B 130 -9.83 -28.04 -15.36
CA SER B 130 -8.98 -28.75 -14.37
C SER B 130 -8.74 -27.87 -13.15
N PRO B 131 -9.77 -27.63 -12.31
CA PRO B 131 -9.67 -26.74 -11.15
C PRO B 131 -8.50 -27.09 -10.23
N GLU B 132 -8.15 -28.37 -10.10
CA GLU B 132 -7.08 -28.79 -9.18
C GLU B 132 -5.81 -28.17 -9.70
N ALA B 133 -5.58 -28.13 -11.01
CA ALA B 133 -4.39 -27.53 -11.62
C ALA B 133 -4.34 -26.01 -11.40
N VAL B 134 -5.47 -25.32 -11.47
CA VAL B 134 -5.57 -23.87 -11.17
C VAL B 134 -5.29 -23.58 -9.70
N HIS B 135 -5.82 -24.35 -8.75
CA HIS B 135 -5.53 -24.13 -7.32
C HIS B 135 -4.07 -24.35 -6.95
N THR B 136 -3.39 -25.35 -7.51
CA THR B 136 -1.95 -25.54 -7.35
C THR B 136 -1.17 -24.34 -7.90
N ALA B 137 -1.49 -23.86 -9.11
CA ALA B 137 -0.85 -22.70 -9.70
C ALA B 137 -1.07 -21.41 -8.88
N LEU B 138 -2.27 -21.19 -8.33
CA LEU B 138 -2.55 -20.02 -7.48
C LEU B 138 -1.74 -20.04 -6.17
N ALA B 139 -1.60 -21.19 -5.49
CA ALA B 139 -0.77 -21.28 -4.28
C ALA B 139 0.70 -20.94 -4.56
N ALA B 140 1.27 -21.43 -5.66
CA ALA B 140 2.63 -21.10 -6.08
C ALA B 140 2.77 -19.62 -6.47
N ARG B 141 1.78 -19.01 -7.15
CA ARG B 141 1.84 -17.59 -7.55
C ARG B 141 1.77 -16.62 -6.37
N GLN B 142 0.96 -16.88 -5.34
CA GLN B 142 0.95 -16.07 -4.11
C GLN B 142 2.16 -16.35 -3.21
N LEU B 143 2.76 -17.54 -3.26
CA LEU B 143 3.96 -17.83 -2.48
C LEU B 143 5.18 -17.02 -2.93
N GLN B 144 5.45 -16.91 -4.24
CA GLN B 144 6.54 -16.08 -4.76
C GLN B 144 6.30 -14.58 -4.55
N GLY B 145 5.04 -14.14 -4.58
CA GLY B 145 4.63 -12.78 -4.23
C GLY B 145 4.83 -12.46 -2.75
N LEU B 146 4.44 -13.35 -1.84
CA LEU B 146 4.69 -13.20 -0.40
C LEU B 146 6.19 -13.19 -0.07
N ARG B 147 7.01 -14.03 -0.72
CA ARG B 147 8.47 -13.97 -0.56
C ARG B 147 9.06 -12.67 -1.10
N THR B 148 8.55 -12.19 -2.24
CA THR B 148 8.89 -10.87 -2.79
C THR B 148 8.49 -9.71 -1.87
N ILE B 149 7.30 -9.75 -1.28
CA ILE B 149 6.84 -8.76 -0.29
C ILE B 149 7.75 -8.78 0.96
N TYR B 150 8.06 -9.94 1.52
CA TYR B 150 8.99 -10.07 2.62
C TYR B 150 10.38 -9.52 2.28
N ALA B 151 10.94 -9.89 1.13
CA ALA B 151 12.24 -9.41 0.69
C ALA B 151 12.26 -7.88 0.45
N ARG B 152 11.20 -7.30 -0.13
CA ARG B 152 11.09 -5.84 -0.33
C ARG B 152 10.90 -5.06 0.97
N LEU B 153 10.04 -5.51 1.88
CA LEU B 153 9.90 -4.91 3.21
C LEU B 153 11.15 -5.12 4.08
N ARG B 154 11.78 -6.30 4.05
CA ARG B 154 13.09 -6.52 4.71
C ARG B 154 14.15 -5.57 4.15
N ALA B 155 14.24 -5.42 2.83
CA ALA B 155 15.14 -4.46 2.20
C ALA B 155 14.89 -3.01 2.65
N ARG B 156 13.63 -2.57 2.83
CA ARG B 156 13.33 -1.27 3.46
C ARG B 156 13.75 -1.22 4.93
N LEU B 157 13.46 -2.25 5.73
CA LEU B 157 13.82 -2.31 7.15
C LEU B 157 15.34 -2.32 7.40
N MET B 158 16.11 -3.02 6.58
CA MET B 158 17.58 -3.09 6.63
C MET B 158 18.29 -2.09 5.70
N GLY B 159 17.55 -1.20 5.03
CA GLY B 159 18.12 -0.20 4.12
C GLY B 159 18.91 0.89 4.84
N GLY B 160 19.89 1.48 4.16
CA GLY B 160 20.72 2.56 4.68
C GLY B 160 21.82 2.14 5.67
N HIS B 161 22.03 0.84 5.91
CA HIS B 161 23.03 0.36 6.86
C HIS B 161 24.39 1.06 6.63
N PRO B 162 24.89 1.92 7.53
CA PRO B 162 26.17 2.61 7.33
C PRO B 162 27.32 1.60 7.08
N GLY B 163 28.17 1.90 6.10
CA GLY B 163 29.32 1.06 5.71
C GLY B 163 30.50 1.16 6.71
N PRO B 164 31.54 0.31 6.60
CA PRO B 164 32.74 0.37 7.45
C PRO B 164 33.48 1.72 7.47
N CYS B 165 33.99 2.09 8.64
CA CYS B 165 34.78 3.32 8.86
C CYS B 165 36.13 3.34 8.11
N HIS B 166 36.43 4.44 7.39
CA HIS B 166 37.66 4.65 6.59
C HIS B 166 38.23 6.07 6.82
N PRO B 167 39.44 6.43 6.33
CA PRO B 167 39.92 7.81 6.39
C PRO B 167 39.04 8.87 5.70
N GLY B 168 38.13 8.47 4.80
CA GLY B 168 37.19 9.37 4.15
C GLY B 168 35.98 9.82 5.00
N HIS B 169 35.81 9.30 6.22
CA HIS B 169 34.70 9.65 7.12
C HIS B 169 34.99 10.88 8.00
N SER B 170 34.02 11.79 8.07
CA SER B 170 33.99 12.96 8.94
C SER B 170 32.87 12.84 9.99
N PHE B 171 33.13 13.20 11.25
CA PHE B 171 32.19 13.03 12.36
C PHE B 171 31.84 14.36 13.06
N ARG B 172 30.57 14.51 13.49
CA ARG B 172 30.09 15.62 14.34
C ARG B 172 29.20 15.11 15.49
N LEU B 173 29.29 15.70 16.68
CA LEU B 173 28.51 15.29 17.85
C LEU B 173 27.09 15.88 17.79
N LEU B 174 26.04 15.10 18.10
CA LEU B 174 24.67 15.64 18.15
C LEU B 174 24.20 16.06 19.55
N ASP B 175 24.73 15.44 20.62
CA ASP B 175 24.16 15.59 21.97
C ASP B 175 25.24 15.54 23.08
N SER B 176 24.88 15.96 24.30
CA SER B 176 25.69 15.80 25.52
C SER B 176 25.15 14.79 26.53
N SER B 177 24.05 14.11 26.22
CA SER B 177 23.39 13.11 27.08
C SER B 177 22.86 11.92 26.24
N PRO B 178 22.90 10.67 26.76
CA PRO B 178 22.59 9.49 25.98
C PRO B 178 21.13 9.41 25.52
N CYS B 179 20.94 8.95 24.29
CA CYS B 179 19.65 8.65 23.68
C CYS B 179 19.05 7.35 24.26
N ALA B 180 19.89 6.49 24.84
CA ALA B 180 19.49 5.34 25.65
C ALA B 180 20.49 5.07 26.79
N GLU B 181 19.96 4.75 27.97
CA GLU B 181 20.72 4.32 29.16
C GLU B 181 20.41 2.86 29.50
N SER B 182 21.31 1.95 29.13
CA SER B 182 21.19 0.50 29.32
C SER B 182 22.01 0.05 30.53
N GLY B 183 21.77 -1.17 31.03
CA GLY B 183 22.45 -1.70 32.21
C GLY B 183 23.95 -1.37 32.30
N ASP B 184 24.71 -1.65 31.23
CA ASP B 184 26.17 -1.43 31.18
C ASP B 184 26.65 -0.49 30.06
N ALA B 185 25.79 0.36 29.47
CA ALA B 185 26.17 1.27 28.39
C ALA B 185 25.30 2.53 28.28
N LEU B 186 25.95 3.65 27.97
CA LEU B 186 25.35 4.96 27.69
C LEU B 186 25.53 5.29 26.20
N TYR B 187 24.43 5.48 25.49
CA TYR B 187 24.42 5.59 24.04
C TYR B 187 24.23 7.04 23.57
N TYR B 188 25.22 7.59 22.88
CA TYR B 188 25.26 8.99 22.41
C TYR B 188 25.20 9.05 20.88
N ARG B 189 24.38 9.93 20.29
CA ARG B 189 24.20 10.02 18.83
C ARG B 189 25.20 10.97 18.16
N VAL B 190 25.77 10.49 17.06
CA VAL B 190 26.86 11.12 16.30
C VAL B 190 26.52 11.13 14.80
N VAL B 191 26.80 12.24 14.12
CA VAL B 191 26.73 12.34 12.66
C VAL B 191 28.03 11.82 12.07
N ARG B 192 27.95 11.01 11.01
CA ARG B 192 29.07 10.64 10.16
C ARG B 192 28.79 11.00 8.71
N ALA B 193 29.82 11.35 7.96
CA ALA B 193 29.77 11.62 6.53
C ALA B 193 30.94 10.93 5.79
N HIS B 194 30.63 10.04 4.86
CA HIS B 194 31.62 9.33 4.04
C HIS B 194 31.67 9.90 2.62
N GLU B 195 32.69 10.71 2.32
CA GLU B 195 32.77 11.51 1.07
C GLU B 195 31.48 12.29 0.75
N ASP B 196 30.91 12.94 1.78
CA ASP B 196 29.60 13.62 1.76
C ASP B 196 28.35 12.70 1.68
N ALA B 197 28.53 11.37 1.84
CA ALA B 197 27.42 10.45 2.08
C ALA B 197 26.96 10.52 3.55
N TRP B 198 25.67 10.85 3.76
CA TRP B 198 25.11 11.14 5.10
C TRP B 198 24.77 9.86 5.88
N HIS B 199 25.27 9.70 7.12
CA HIS B 199 24.92 8.60 8.03
C HIS B 199 24.77 9.08 9.49
N ILE B 200 23.89 8.45 10.25
CA ILE B 200 23.76 8.62 11.70
C ILE B 200 24.15 7.31 12.40
N LEU B 201 25.13 7.37 13.31
CA LEU B 201 25.66 6.26 14.11
C LEU B 201 25.68 6.65 15.59
N VAL B 202 25.76 5.68 16.50
CA VAL B 202 25.69 5.96 17.94
C VAL B 202 26.85 5.30 18.70
N ALA B 203 27.55 6.06 19.53
CA ALA B 203 28.66 5.60 20.35
C ALA B 203 28.15 4.85 21.59
N LYS B 204 28.64 3.62 21.79
CA LYS B 204 28.31 2.74 22.93
C LYS B 204 29.30 2.98 24.07
N VAL B 205 29.13 4.08 24.79
CA VAL B 205 30.03 4.51 25.87
C VAL B 205 29.85 3.60 27.09
N PRO B 206 30.90 2.93 27.60
CA PRO B 206 30.77 2.03 28.75
C PRO B 206 30.15 2.77 29.94
N LYS B 207 29.07 2.23 30.54
CA LYS B 207 28.46 2.88 31.72
C LYS B 207 29.34 2.64 32.95
N PRO B 208 29.53 3.60 33.87
CA PRO B 208 30.26 3.37 35.11
C PRO B 208 29.76 2.13 35.88
N GLY B 209 30.68 1.26 36.30
CA GLY B 209 30.38 -0.03 36.92
C GLY B 209 30.25 -1.22 35.96
N ALA B 210 30.24 -1.00 34.64
CA ALA B 210 30.16 -2.08 33.64
C ALA B 210 31.40 -3.00 33.69
N ASP B 211 31.22 -4.27 33.33
CA ASP B 211 32.28 -5.29 33.26
C ASP B 211 32.11 -6.19 32.02
N VAL B 212 33.05 -7.11 31.80
CA VAL B 212 33.07 -8.06 30.68
C VAL B 212 33.46 -9.47 31.15
N PRO B 213 32.50 -10.26 31.67
CA PRO B 213 32.75 -11.64 32.08
C PRO B 213 33.29 -12.59 30.98
N HIS B 214 32.95 -12.34 29.71
CA HIS B 214 33.36 -13.17 28.57
C HIS B 214 33.87 -12.32 27.39
N PRO B 215 35.12 -11.81 27.44
CA PRO B 215 35.65 -10.92 26.40
C PRO B 215 35.46 -11.44 24.97
N TRP B 216 35.49 -12.77 24.77
CA TRP B 216 35.23 -13.40 23.48
C TRP B 216 33.89 -12.96 22.86
N GLY B 217 32.85 -12.76 23.67
CA GLY B 217 31.57 -12.27 23.18
C GLY B 217 31.66 -10.90 22.49
N LEU B 218 32.58 -10.03 22.92
CA LEU B 218 32.81 -8.75 22.23
C LEU B 218 33.55 -8.96 20.89
N GLU B 219 34.48 -9.90 20.80
CA GLU B 219 35.08 -10.29 19.51
C GLU B 219 34.01 -10.87 18.57
N LEU B 220 33.07 -11.66 19.11
CA LEU B 220 31.98 -12.23 18.33
C LEU B 220 31.11 -11.14 17.68
N GLN B 221 30.75 -10.08 18.42
CA GLN B 221 29.95 -8.97 17.88
C GLN B 221 30.57 -8.32 16.64
N ALA B 222 31.88 -8.10 16.62
CA ALA B 222 32.61 -7.62 15.45
C ALA B 222 32.68 -8.67 14.31
N SER B 223 32.75 -9.95 14.67
CA SER B 223 32.90 -11.06 13.72
C SER B 223 31.63 -11.31 12.89
N LEU B 224 30.45 -11.38 13.52
CA LEU B 224 29.21 -11.79 12.87
C LEU B 224 28.68 -10.77 11.86
N SER B 225 27.93 -11.26 10.86
CA SER B 225 27.26 -10.44 9.84
C SER B 225 26.06 -9.68 10.42
N PRO B 226 25.57 -8.61 9.77
CA PRO B 226 24.44 -7.86 10.29
C PRO B 226 23.22 -8.78 10.41
N HIS B 227 22.37 -8.60 11.41
CA HIS B 227 21.14 -9.37 11.56
C HIS B 227 20.07 -8.42 12.10
N PHE B 228 18.83 -8.59 11.66
CA PHE B 228 17.77 -7.64 11.99
C PHE B 228 17.66 -7.35 13.50
N ASN B 229 17.74 -8.37 14.37
CA ASN B 229 17.57 -8.17 15.81
C ASN B 229 18.88 -8.12 16.62
N LEU B 230 20.04 -7.99 15.98
CA LEU B 230 21.35 -7.84 16.66
C LEU B 230 21.86 -6.39 16.62
N GLN B 231 22.60 -5.95 17.65
CA GLN B 231 23.31 -4.67 17.64
C GLN B 231 24.59 -4.73 16.78
N GLY B 232 24.58 -4.09 15.62
CA GLY B 232 25.71 -4.08 14.69
C GLY B 232 26.73 -2.98 14.96
N LEU B 233 27.99 -3.20 14.57
CA LEU B 233 29.10 -2.23 14.67
C LEU B 233 29.62 -1.84 13.27
N CYS B 234 30.00 -0.57 13.09
CA CYS B 234 30.56 -0.05 11.83
C CYS B 234 32.04 0.39 11.94
N GLY B 235 32.66 0.27 13.13
CA GLY B 235 34.04 0.71 13.41
C GLY B 235 34.20 1.51 14.70
N LEU B 236 35.46 1.87 15.02
CA LEU B 236 35.87 2.57 16.25
C LEU B 236 36.11 4.07 16.02
N VAL B 237 35.67 4.91 16.96
CA VAL B 237 35.99 6.35 17.04
C VAL B 237 36.79 6.62 18.33
N PRO B 238 38.12 6.73 18.28
CA PRO B 238 38.95 7.04 19.45
C PRO B 238 38.68 8.45 20.01
N GLU B 239 38.95 8.66 21.30
CA GLU B 239 38.86 9.98 21.95
C GLU B 239 39.65 11.06 21.20
N GLY B 240 39.05 12.25 21.02
CA GLY B 240 39.65 13.37 20.29
C GLY B 240 39.03 13.65 18.92
N THR B 241 38.32 12.67 18.33
CA THR B 241 37.58 12.86 17.07
C THR B 241 36.50 13.93 17.21
N LEU B 242 35.78 13.93 18.33
CA LEU B 242 34.76 14.91 18.71
C LEU B 242 35.19 15.61 20.03
N PRO B 243 35.97 16.71 19.95
CA PRO B 243 36.56 17.36 21.13
C PRO B 243 35.52 17.76 22.19
N GLY B 244 34.25 17.94 21.81
CA GLY B 244 33.16 18.32 22.72
C GLY B 244 32.37 17.14 23.30
N ALA B 245 32.79 15.89 23.06
CA ALA B 245 32.10 14.70 23.54
C ALA B 245 32.05 14.61 25.08
N PRO B 246 30.92 14.19 25.69
CA PRO B 246 30.83 13.99 27.14
C PRO B 246 31.61 12.78 27.67
N TRP B 247 32.02 11.85 26.80
CA TRP B 247 32.82 10.67 27.18
C TRP B 247 34.32 10.80 26.84
N ARG B 248 35.13 9.98 27.51
CA ARG B 248 36.58 9.81 27.31
C ARG B 248 36.91 8.35 26.99
N GLY B 249 38.03 8.09 26.32
CA GLY B 249 38.40 6.76 25.84
C GLY B 249 37.91 6.48 24.41
N ALA B 250 38.37 5.38 23.82
CA ALA B 250 37.94 4.96 22.49
C ALA B 250 36.66 4.10 22.55
N VAL B 251 35.60 4.54 21.85
CA VAL B 251 34.26 3.95 21.91
C VAL B 251 33.83 3.50 20.51
N ALA B 252 33.41 2.24 20.37
CA ALA B 252 32.89 1.72 19.10
C ALA B 252 31.51 2.29 18.77
N LEU B 253 31.21 2.54 17.49
CA LEU B 253 29.91 3.04 17.05
C LEU B 253 29.03 1.96 16.38
N ALA B 254 27.80 1.85 16.89
CA ALA B 254 26.77 0.92 16.42
C ALA B 254 26.05 1.45 15.17
N ALA B 255 25.65 0.54 14.28
CA ALA B 255 24.87 0.87 13.09
C ALA B 255 23.46 1.41 13.43
N GLU B 256 22.81 0.88 14.46
CA GLU B 256 21.47 1.29 14.90
C GLU B 256 21.50 2.53 15.82
N VAL B 257 20.36 3.24 15.93
CA VAL B 257 20.22 4.44 16.78
C VAL B 257 19.19 4.18 17.90
N PRO B 258 19.62 3.87 19.14
CA PRO B 258 18.72 3.59 20.26
C PRO B 258 17.75 4.73 20.63
N GLU B 259 16.53 4.38 21.02
CA GLU B 259 15.49 5.34 21.46
C GLU B 259 15.18 5.15 22.95
N ARG B 260 15.05 3.90 23.40
CA ARG B 260 14.77 3.49 24.79
C ARG B 260 15.25 2.07 25.05
N THR B 261 15.37 1.68 26.31
CA THR B 261 15.59 0.27 26.68
C THR B 261 14.28 -0.48 26.85
N VAL B 262 14.33 -1.81 26.91
CA VAL B 262 13.13 -2.63 27.16
C VAL B 262 12.60 -2.37 28.57
N ALA B 263 13.47 -2.32 29.59
CA ALA B 263 13.05 -1.97 30.95
C ALA B 263 12.37 -0.58 31.03
N GLN B 264 12.85 0.42 30.28
CA GLN B 264 12.20 1.74 30.20
C GLN B 264 10.84 1.67 29.52
N TRP B 265 10.67 0.89 28.46
CA TRP B 265 9.34 0.68 27.86
C TRP B 265 8.38 -0.01 28.84
N LEU B 266 8.84 -1.07 29.52
CA LEU B 266 8.02 -1.81 30.48
C LEU B 266 7.54 -0.93 31.64
N ALA B 267 8.37 -0.03 32.19
CA ALA B 267 7.97 0.84 33.30
C ALA B 267 6.70 1.66 32.99
N GLU B 268 6.58 2.23 31.78
CA GLU B 268 5.37 2.95 31.38
C GLU B 268 4.34 1.99 30.77
N ALA B 269 4.78 1.09 29.90
CA ALA B 269 3.90 0.17 29.21
C ALA B 269 3.13 -0.76 30.15
N CYS B 270 3.68 -1.18 31.29
CA CYS B 270 2.95 -2.01 32.26
C CYS B 270 2.18 -1.18 33.33
N THR B 271 2.26 0.15 33.28
CA THR B 271 1.50 1.03 34.19
C THR B 271 0.02 1.07 33.86
N GLN B 272 -0.33 1.19 32.57
CA GLN B 272 -1.69 1.19 32.04
C GLN B 272 -1.76 0.26 30.82
N PRO B 273 -1.61 -1.06 31.02
CA PRO B 273 -1.75 -2.08 30.00
C PRO B 273 -3.22 -2.40 29.77
N PRO B 274 -3.65 -2.71 28.53
CA PRO B 274 -4.88 -3.44 28.37
C PRO B 274 -4.77 -4.94 28.60
N GLU B 275 -5.89 -5.66 28.75
CA GLU B 275 -5.86 -7.12 28.90
C GLU B 275 -5.13 -7.80 27.72
N GLU B 276 -5.17 -7.18 26.54
CA GLU B 276 -4.45 -7.66 25.36
C GLU B 276 -3.00 -7.14 25.30
N PHE B 277 -2.51 -6.40 26.30
CA PHE B 277 -1.14 -5.87 26.34
C PHE B 277 -0.06 -6.91 26.04
N VAL B 278 -0.24 -8.15 26.51
CA VAL B 278 0.72 -9.25 26.31
C VAL B 278 1.05 -9.46 24.83
N TRP B 279 0.23 -8.90 23.93
CA TRP B 279 0.49 -8.89 22.49
C TRP B 279 1.78 -8.15 22.16
N ALA B 280 1.93 -6.93 22.68
CA ALA B 280 3.14 -6.14 22.49
C ALA B 280 4.39 -6.80 23.11
N VAL B 281 4.25 -7.45 24.26
CA VAL B 281 5.34 -8.18 24.91
C VAL B 281 5.72 -9.46 24.13
N ALA B 282 4.75 -10.26 23.68
CA ALA B 282 5.03 -11.48 22.94
C ALA B 282 5.76 -11.20 21.62
N LEU B 283 5.42 -10.13 20.90
CA LEU B 283 6.11 -9.70 19.69
C LEU B 283 7.56 -9.26 19.96
N LEU B 284 7.84 -8.48 21.01
CA LEU B 284 9.24 -8.17 21.35
C LEU B 284 9.99 -9.43 21.80
N LEU B 285 9.33 -10.36 22.49
CA LEU B 285 9.92 -11.65 22.85
C LEU B 285 10.32 -12.49 21.62
N LEU B 286 9.53 -12.46 20.55
CA LEU B 286 9.81 -13.22 19.30
C LEU B 286 11.07 -12.61 18.68
N GLN B 287 11.21 -11.29 18.66
CA GLN B 287 12.39 -10.60 18.17
C GLN B 287 13.66 -10.93 18.99
N LEU B 288 13.54 -10.99 20.32
CA LEU B 288 14.65 -11.39 21.18
C LEU B 288 15.04 -12.85 20.94
N SER B 289 14.04 -13.73 20.76
CA SER B 289 14.27 -15.12 20.40
C SER B 289 14.97 -15.25 19.05
N ALA B 290 14.64 -14.42 18.05
CA ALA B 290 15.38 -14.37 16.79
C ALA B 290 16.86 -13.95 16.98
N ALA B 291 17.14 -12.96 17.81
CA ALA B 291 18.51 -12.57 18.12
C ALA B 291 19.28 -13.69 18.83
N LEU B 292 18.64 -14.38 19.78
CA LEU B 292 19.25 -15.48 20.51
C LEU B 292 19.42 -16.75 19.64
N LYS B 293 18.47 -17.05 18.75
CA LYS B 293 18.62 -18.11 17.74
C LYS B 293 19.83 -17.86 16.85
N PHE B 294 20.09 -16.63 16.41
CA PHE B 294 21.31 -16.33 15.66
C PHE B 294 22.57 -16.71 16.45
N LEU B 295 22.67 -16.31 17.72
CA LEU B 295 23.81 -16.71 18.56
C LEU B 295 23.85 -18.23 18.83
N GLU B 296 22.70 -18.89 19.04
CA GLU B 296 22.65 -20.35 19.24
C GLU B 296 23.03 -21.16 17.98
N ALA B 297 22.68 -20.68 16.78
CA ALA B 297 23.21 -21.19 15.51
C ALA B 297 24.73 -20.98 15.40
N TRP B 298 25.24 -19.87 15.92
CA TRP B 298 26.66 -19.64 16.15
C TRP B 298 27.18 -20.53 17.30
N GLY B 299 28.47 -20.45 17.62
CA GLY B 299 29.07 -21.09 18.79
C GLY B 299 28.94 -20.31 20.10
N ALA B 300 27.77 -19.82 20.49
CA ALA B 300 27.65 -18.81 21.57
C ALA B 300 26.37 -18.90 22.43
N ALA B 301 26.44 -18.42 23.68
CA ALA B 301 25.28 -18.17 24.53
C ALA B 301 25.52 -17.02 25.52
N LEU B 302 24.45 -16.32 25.87
CA LEU B 302 24.38 -15.30 26.91
C LEU B 302 24.01 -15.93 28.25
N VAL B 303 24.88 -15.80 29.25
CA VAL B 303 24.77 -16.46 30.55
C VAL B 303 23.78 -15.74 31.48
N GLU B 304 23.56 -14.44 31.29
CA GLU B 304 22.67 -13.62 32.12
C GLU B 304 21.78 -12.70 31.27
N LEU B 305 20.48 -12.98 31.22
CA LEU B 305 19.49 -12.20 30.46
C LEU B 305 18.84 -11.13 31.35
N ARG B 306 18.91 -9.85 30.95
CA ARG B 306 18.40 -8.70 31.72
C ARG B 306 17.72 -7.62 30.85
N PRO B 307 16.39 -7.39 30.98
CA PRO B 307 15.68 -6.39 30.17
C PRO B 307 16.30 -4.99 30.20
N GLU B 308 16.98 -4.56 31.27
CA GLU B 308 17.58 -3.22 31.34
C GLU B 308 18.79 -3.03 30.39
N ASN B 309 19.31 -4.11 29.81
CA ASN B 309 20.38 -4.04 28.81
C ASN B 309 19.90 -4.15 27.36
N LEU B 310 18.61 -4.44 27.12
CA LEU B 310 18.03 -4.59 25.78
C LEU B 310 17.55 -3.24 25.23
N LEU B 311 17.66 -2.99 23.92
CA LEU B 311 17.25 -1.72 23.28
C LEU B 311 16.11 -1.88 22.29
N LEU B 312 15.31 -0.83 22.16
CA LEU B 312 14.22 -0.68 21.21
C LEU B 312 14.44 0.55 20.34
N VAL B 313 14.22 0.41 19.03
CA VAL B 313 14.26 1.50 18.05
C VAL B 313 13.05 1.40 17.10
N ALA B 314 12.67 2.48 16.43
CA ALA B 314 11.67 2.42 15.36
C ALA B 314 12.19 1.67 14.11
N PRO B 315 11.36 0.90 13.38
CA PRO B 315 11.76 0.28 12.12
C PRO B 315 11.97 1.32 11.01
N ARG B 316 12.94 1.11 10.12
CA ARG B 316 13.20 2.03 9.00
C ARG B 316 12.37 1.67 7.76
N GLY B 317 12.00 2.66 6.96
CA GLY B 317 11.32 2.47 5.68
C GLY B 317 9.89 1.91 5.74
N CYS B 318 9.57 1.05 6.72
CA CYS B 318 8.22 0.54 6.98
C CYS B 318 7.59 1.05 8.29
N ALA B 319 7.93 2.27 8.74
CA ALA B 319 7.60 2.80 10.05
C ALA B 319 6.09 3.07 10.27
N THR B 320 5.59 2.68 11.44
CA THR B 320 4.25 2.94 11.99
C THR B 320 4.38 3.31 13.49
N THR B 321 3.27 3.59 14.18
CA THR B 321 3.25 3.82 15.64
C THR B 321 3.17 2.52 16.47
N GLY B 322 3.26 1.35 15.85
CA GLY B 322 3.19 0.02 16.49
C GLY B 322 4.52 -0.46 17.10
N PRO B 323 4.66 -1.77 17.34
CA PRO B 323 5.82 -2.32 18.05
C PRO B 323 7.17 -1.91 17.44
N PRO B 324 8.17 -1.58 18.26
CA PRO B 324 9.50 -1.22 17.81
C PRO B 324 10.34 -2.44 17.40
N ARG B 325 11.45 -2.19 16.72
CA ARG B 325 12.48 -3.19 16.44
C ARG B 325 13.31 -3.39 17.71
N LEU B 326 13.56 -4.63 18.09
CA LEU B 326 14.36 -4.99 19.27
C LEU B 326 15.80 -5.32 18.87
N LEU B 327 16.78 -4.86 19.64
CA LEU B 327 18.20 -5.09 19.41
C LEU B 327 18.82 -5.82 20.61
N LEU B 328 19.49 -6.95 20.38
CA LEU B 328 20.24 -7.65 21.42
C LEU B 328 21.67 -7.10 21.45
N THR B 329 22.08 -6.61 22.62
CA THR B 329 23.33 -5.84 22.80
C THR B 329 24.37 -6.50 23.70
N ASP B 330 23.96 -7.40 24.60
CA ASP B 330 24.77 -7.80 25.76
C ASP B 330 25.83 -8.87 25.45
N PHE B 331 26.80 -8.51 24.62
CA PHE B 331 27.92 -9.38 24.23
C PHE B 331 29.02 -9.52 25.28
N GLY B 332 29.21 -8.56 26.20
CA GLY B 332 30.19 -8.71 27.29
C GLY B 332 29.99 -9.98 28.12
N ARG B 333 28.76 -10.51 28.18
CA ARG B 333 28.37 -11.71 28.94
C ARG B 333 28.10 -12.94 28.04
N VAL B 334 28.41 -12.88 26.74
CA VAL B 334 28.24 -14.02 25.81
C VAL B 334 29.49 -14.90 25.75
N CYS B 335 29.35 -16.20 26.03
CA CYS B 335 30.47 -17.16 26.14
C CYS B 335 30.52 -18.14 24.95
N LEU B 336 31.65 -18.84 24.78
CA LEU B 336 31.79 -19.98 23.85
C LEU B 336 30.84 -21.15 24.17
N GLN B 337 30.19 -21.71 23.15
CA GLN B 337 29.27 -22.87 23.23
C GLN B 337 29.54 -23.92 22.13
N PRO B 338 30.66 -24.66 22.21
CA PRO B 338 30.95 -25.83 21.38
C PRO B 338 30.13 -27.13 21.58
N PRO B 339 29.34 -27.39 22.65
CA PRO B 339 28.61 -28.67 22.79
C PRO B 339 27.72 -29.03 21.60
N GLY B 340 27.76 -30.30 21.20
CA GLY B 340 26.92 -30.86 20.13
C GLY B 340 25.57 -31.40 20.61
N PRO B 341 25.55 -32.43 21.48
CA PRO B 341 24.31 -33.05 21.97
C PRO B 341 23.33 -32.03 22.61
N PRO B 342 22.02 -32.30 22.64
CA PRO B 342 21.03 -31.37 23.18
C PRO B 342 21.35 -30.77 24.57
N GLY B 343 21.92 -31.55 25.50
CA GLY B 343 22.20 -31.08 26.86
C GLY B 343 21.06 -30.21 27.41
N SER B 344 21.30 -28.92 27.63
CA SER B 344 20.20 -27.95 27.74
C SER B 344 20.03 -27.27 26.37
N PRO B 345 19.05 -27.66 25.52
CA PRO B 345 18.91 -27.12 24.16
C PRO B 345 18.95 -25.59 24.01
N GLY B 346 18.35 -24.84 24.93
CA GLY B 346 18.40 -23.38 24.97
C GLY B 346 18.97 -22.89 26.31
N PRO B 347 20.29 -22.60 26.43
CA PRO B 347 20.84 -22.02 27.66
C PRO B 347 20.10 -20.76 28.12
N HIS B 348 19.42 -20.06 27.20
CA HIS B 348 18.63 -18.87 27.53
C HIS B 348 17.19 -19.16 27.97
N ALA B 349 16.64 -20.35 27.71
CA ALA B 349 15.24 -20.66 28.03
C ALA B 349 14.82 -20.49 29.51
N PRO B 350 15.52 -21.09 30.51
CA PRO B 350 15.12 -20.98 31.91
C PRO B 350 15.18 -19.53 32.40
N GLN B 351 16.02 -18.72 31.77
CA GLN B 351 16.13 -17.28 31.98
C GLN B 351 14.94 -16.53 31.37
N LEU B 352 14.50 -16.91 30.17
CA LEU B 352 13.30 -16.33 29.57
C LEU B 352 12.03 -16.77 30.33
N GLY B 353 11.96 -18.00 30.84
CA GLY B 353 10.81 -18.46 31.62
C GLY B 353 10.62 -17.63 32.89
N SER B 354 11.71 -17.37 33.62
CA SER B 354 11.70 -16.51 34.81
C SER B 354 11.34 -15.05 34.49
N LEU B 355 11.94 -14.46 33.44
CA LEU B 355 11.61 -13.11 32.99
C LEU B 355 10.17 -13.00 32.47
N LEU B 356 9.68 -14.01 31.75
CA LEU B 356 8.30 -14.03 31.24
C LEU B 356 7.28 -14.06 32.39
N ARG B 357 7.49 -14.86 33.44
CA ARG B 357 6.62 -14.81 34.64
C ARG B 357 6.65 -13.45 35.32
N ALA B 358 7.79 -12.78 35.44
CA ALA B 358 7.85 -11.41 35.96
C ALA B 358 7.06 -10.44 35.06
N LEU B 359 7.17 -10.57 33.73
CA LEU B 359 6.43 -9.74 32.78
C LEU B 359 4.91 -9.99 32.85
N LEU B 360 4.48 -11.23 33.05
CA LEU B 360 3.06 -11.57 33.18
C LEU B 360 2.43 -11.03 34.47
N SER B 361 3.16 -10.96 35.58
CA SER B 361 2.69 -10.32 36.81
C SER B 361 2.67 -8.79 36.71
N LEU B 362 3.53 -8.18 35.89
CA LEU B 362 3.51 -6.74 35.59
C LEU B 362 2.36 -6.35 34.65
N ALA B 363 1.99 -7.21 33.71
CA ALA B 363 0.93 -6.96 32.72
C ALA B 363 -0.49 -7.04 33.32
N ALA B 364 -1.47 -6.60 32.53
CA ALA B 364 -2.90 -6.72 32.85
C ALA B 364 -3.32 -8.19 33.11
N PRO B 365 -4.46 -8.44 33.81
CA PRO B 365 -4.94 -9.78 34.14
C PRO B 365 -4.99 -10.77 32.97
N SER B 366 -4.64 -12.03 33.22
CA SER B 366 -4.55 -13.07 32.19
C SER B 366 -5.93 -13.55 31.70
N THR B 367 -6.65 -12.69 30.98
CA THR B 367 -8.01 -12.95 30.45
C THR B 367 -8.01 -13.25 28.94
N THR B 368 -6.92 -13.01 28.22
CA THR B 368 -6.75 -13.25 26.78
C THR B 368 -6.02 -14.59 26.57
N PRO B 369 -6.41 -15.46 25.61
CA PRO B 369 -5.73 -16.76 25.40
C PRO B 369 -4.21 -16.70 25.31
N LEU B 370 -3.67 -15.61 24.77
CA LEU B 370 -2.22 -15.35 24.66
C LEU B 370 -1.53 -15.24 26.05
N ALA B 371 -2.15 -14.59 27.03
CA ALA B 371 -1.61 -14.52 28.39
C ALA B 371 -1.56 -15.90 29.05
N ALA B 372 -2.60 -16.72 28.88
CA ALA B 372 -2.59 -18.11 29.35
C ALA B 372 -1.52 -18.95 28.63
N GLY B 373 -1.34 -18.74 27.32
CA GLY B 373 -0.29 -19.43 26.56
C GLY B 373 1.12 -19.05 27.04
N LEU B 374 1.35 -17.78 27.38
CA LEU B 374 2.61 -17.32 27.95
C LEU B 374 2.86 -17.88 29.36
N GLU B 375 1.82 -18.05 30.19
CA GLU B 375 1.98 -18.64 31.52
C GLU B 375 2.52 -20.08 31.48
N LEU B 376 1.94 -20.96 30.64
CA LEU B 376 2.41 -22.33 30.46
C LEU B 376 3.72 -22.40 29.66
N LEU B 377 3.95 -21.45 28.76
CA LEU B 377 5.23 -21.32 28.05
C LEU B 377 6.38 -21.04 29.03
N ALA B 378 6.21 -20.15 30.01
CA ALA B 378 7.23 -19.90 31.02
C ALA B 378 7.60 -21.16 31.83
N ALA B 379 6.62 -22.00 32.20
CA ALA B 379 6.88 -23.28 32.85
C ALA B 379 7.66 -24.27 31.95
N GLN B 380 7.32 -24.32 30.66
CA GLN B 380 8.03 -25.13 29.66
C GLN B 380 9.45 -24.61 29.39
N LEU B 381 9.68 -23.30 29.42
CA LEU B 381 11.00 -22.71 29.23
C LEU B 381 11.93 -23.13 30.36
N THR B 382 11.45 -23.20 31.60
CA THR B 382 12.25 -23.69 32.73
C THR B 382 12.22 -25.22 32.88
N ARG B 383 11.19 -25.92 32.38
CA ARG B 383 11.10 -27.39 32.59
C ARG B 383 11.84 -28.15 31.49
N LEU B 384 11.68 -27.76 30.22
CA LEU B 384 12.24 -28.47 29.05
C LEU B 384 13.51 -27.83 28.47
N ARG B 385 13.87 -26.60 28.87
CA ARG B 385 15.01 -25.81 28.38
C ARG B 385 15.17 -25.81 26.84
N PRO B 386 14.11 -25.53 26.07
CA PRO B 386 14.12 -25.62 24.60
C PRO B 386 14.99 -24.55 23.92
N SER B 387 15.48 -24.82 22.71
CA SER B 387 16.29 -23.87 21.94
C SER B 387 15.47 -22.67 21.43
N ALA B 388 16.12 -21.57 21.05
CA ALA B 388 15.40 -20.38 20.58
C ALA B 388 14.53 -20.67 19.35
N SER B 389 14.95 -21.58 18.47
CA SER B 389 14.18 -22.00 17.29
C SER B 389 12.87 -22.72 17.63
N ARG B 390 12.82 -23.48 18.73
CA ARG B 390 11.58 -24.10 19.25
C ARG B 390 10.69 -23.09 19.98
N THR B 391 11.31 -22.12 20.66
CA THR B 391 10.61 -21.00 21.31
C THR B 391 9.89 -20.11 20.30
N ARG B 392 10.56 -19.78 19.19
CA ARG B 392 9.99 -18.99 18.09
C ARG B 392 8.82 -19.72 17.43
N GLY B 393 8.95 -21.02 17.18
CA GLY B 393 7.84 -21.79 16.64
C GLY B 393 6.59 -21.76 17.52
N ALA B 394 6.72 -22.13 18.80
CA ALA B 394 5.61 -22.10 19.76
C ALA B 394 5.09 -20.67 19.98
N LEU B 395 5.95 -19.65 20.05
CA LEU B 395 5.53 -18.26 20.25
C LEU B 395 4.79 -17.68 19.05
N GLN B 396 5.23 -17.98 17.83
CA GLN B 396 4.50 -17.60 16.61
C GLN B 396 3.13 -18.29 16.51
N ALA B 397 3.03 -19.55 16.93
CA ALA B 397 1.75 -20.26 17.05
C ALA B 397 0.77 -19.55 18.01
N LEU B 398 1.22 -19.01 19.14
CA LEU B 398 0.34 -18.22 20.02
C LEU B 398 -0.02 -16.85 19.40
N LEU B 399 0.92 -16.20 18.72
CA LEU B 399 0.70 -14.87 18.12
C LEU B 399 -0.26 -14.88 16.92
N TRP B 400 -0.03 -15.73 15.91
CA TRP B 400 -0.85 -15.82 14.70
C TRP B 400 -1.42 -17.21 14.41
N GLY B 401 -0.74 -18.27 14.87
CA GLY B 401 -1.10 -19.67 14.62
C GLY B 401 -2.23 -20.21 15.48
N PRO B 402 -2.53 -21.50 15.32
CA PRO B 402 -3.61 -22.18 16.02
C PRO B 402 -3.22 -22.59 17.44
N GLY B 403 -4.21 -22.81 18.30
CA GLY B 403 -4.08 -23.53 19.57
C GLY B 403 -4.48 -25.01 19.48
N PRO B 404 -4.80 -25.67 20.59
CA PRO B 404 -5.16 -27.09 20.63
C PRO B 404 -6.45 -27.43 19.87
N GLU B 405 -7.24 -26.44 19.49
CA GLU B 405 -8.47 -26.59 18.71
C GLU B 405 -8.25 -27.03 17.24
N LEU B 406 -7.01 -26.96 16.73
CA LEU B 406 -6.65 -27.34 15.35
C LEU B 406 -7.23 -28.72 14.94
N PRO B 415 -4.95 -36.94 13.32
CA PRO B 415 -4.55 -35.97 14.34
C PRO B 415 -4.71 -34.51 13.91
N TRP B 416 -4.56 -33.59 14.86
CA TRP B 416 -4.83 -32.16 14.65
C TRP B 416 -4.01 -31.53 13.51
N LEU B 417 -2.75 -31.93 13.32
CA LEU B 417 -1.81 -31.30 12.38
C LEU B 417 -2.21 -31.45 10.90
N ARG B 418 -3.20 -32.30 10.59
CA ARG B 418 -3.66 -32.54 9.20
C ARG B 418 -4.20 -31.30 8.50
N ALA B 419 -4.68 -30.31 9.26
CA ALA B 419 -5.28 -29.08 8.75
C ALA B 419 -4.28 -27.99 8.32
N LEU B 420 -2.99 -28.14 8.64
CA LEU B 420 -1.95 -27.12 8.43
C LEU B 420 -1.70 -26.77 6.95
N GLY B 421 -1.77 -27.74 6.03
CA GLY B 421 -1.59 -27.48 4.59
C GLY B 421 -2.48 -26.35 4.07
N PRO B 422 -3.81 -26.53 4.03
CA PRO B 422 -4.75 -25.50 3.64
C PRO B 422 -4.80 -24.31 4.59
N TRP B 423 -4.48 -24.50 5.88
CA TRP B 423 -4.41 -23.41 6.84
C TRP B 423 -3.32 -22.38 6.48
N LEU B 424 -2.09 -22.78 6.17
CA LEU B 424 -1.07 -21.84 5.67
C LEU B 424 -1.48 -21.20 4.35
N ARG B 425 -2.03 -21.95 3.38
CA ARG B 425 -2.47 -21.37 2.08
C ARG B 425 -3.55 -20.32 2.26
N VAL B 426 -4.54 -20.58 3.13
CA VAL B 426 -5.58 -19.59 3.43
C VAL B 426 -5.00 -18.40 4.20
N ARG B 427 -4.24 -18.61 5.27
CA ARG B 427 -3.72 -17.51 6.10
C ARG B 427 -2.74 -16.61 5.34
N ARG B 428 -1.89 -17.18 4.48
CA ARG B 428 -1.00 -16.46 3.55
C ARG B 428 -1.77 -15.58 2.58
N GLY B 429 -2.81 -16.12 1.95
CA GLY B 429 -3.70 -15.34 1.08
C GLY B 429 -4.44 -14.24 1.83
N LEU B 430 -4.88 -14.49 3.06
CA LEU B 430 -5.59 -13.47 3.88
C LEU B 430 -4.65 -12.33 4.25
N LEU B 431 -3.38 -12.57 4.62
CA LEU B 431 -2.40 -11.51 4.87
C LEU B 431 -2.13 -10.69 3.61
N VAL B 432 -1.99 -11.31 2.44
CA VAL B 432 -1.85 -10.55 1.18
C VAL B 432 -3.09 -9.68 0.94
N LEU B 433 -4.29 -10.21 1.18
CA LEU B 433 -5.52 -9.43 1.03
C LEU B 433 -5.59 -8.26 1.99
N ARG B 434 -5.23 -8.47 3.26
CA ARG B 434 -5.21 -7.40 4.31
C ARG B 434 -4.22 -6.30 3.94
N LEU B 435 -3.04 -6.62 3.43
CA LEU B 435 -2.06 -5.64 2.97
C LEU B 435 -2.61 -4.82 1.80
N ALA B 436 -3.22 -5.45 0.81
CA ALA B 436 -3.90 -4.73 -0.26
C ALA B 436 -5.09 -3.87 0.23
N GLU B 437 -5.90 -4.33 1.18
CA GLU B 437 -6.96 -3.48 1.78
C GLU B 437 -6.41 -2.30 2.59
N ARG B 438 -5.32 -2.47 3.35
CA ARG B 438 -4.62 -1.35 3.99
C ARG B 438 -4.08 -0.35 3.00
N ALA B 439 -3.48 -0.82 1.92
CA ALA B 439 -2.98 0.05 0.86
C ALA B 439 -4.11 0.84 0.22
N ALA B 440 -5.25 0.22 -0.02
CA ALA B 440 -6.42 0.90 -0.55
C ALA B 440 -6.84 2.05 0.37
N GLY B 441 -6.72 1.87 1.69
CA GLY B 441 -6.97 2.92 2.69
C GLY B 441 -5.81 3.87 3.01
N GLY B 442 -4.64 3.72 2.38
CA GLY B 442 -3.45 4.56 2.62
C GLY B 442 -2.61 4.24 3.88
N GLU B 443 -2.82 3.07 4.48
CA GLU B 443 -2.18 2.54 5.69
C GLU B 443 -0.98 1.66 5.32
N ALA B 444 0.22 2.02 5.79
CA ALA B 444 1.43 1.22 5.59
C ALA B 444 1.45 -0.06 6.48
N PRO B 445 2.07 -1.18 6.06
CA PRO B 445 2.28 -2.34 6.92
C PRO B 445 3.22 -2.06 8.10
N SER B 446 2.93 -2.63 9.26
CA SER B 446 3.75 -2.50 10.46
C SER B 446 4.86 -3.56 10.52
N LEU B 447 5.82 -3.40 11.43
CA LEU B 447 6.83 -4.44 11.67
C LEU B 447 6.17 -5.79 12.02
N GLU B 448 5.07 -5.79 12.77
CA GLU B 448 4.28 -6.99 13.03
C GLU B 448 3.84 -7.66 11.73
N ASP B 449 3.48 -6.89 10.70
CA ASP B 449 3.00 -7.46 9.44
C ASP B 449 4.16 -8.11 8.65
N TRP B 450 5.35 -7.52 8.70
CA TRP B 450 6.59 -8.14 8.24
C TRP B 450 7.00 -9.39 9.03
N LEU B 451 6.94 -9.39 10.36
CA LEU B 451 7.18 -10.59 11.17
C LEU B 451 6.12 -11.68 10.92
N CYS B 452 4.87 -11.30 10.69
CA CYS B 452 3.76 -12.21 10.37
C CYS B 452 3.99 -12.93 9.03
N CYS B 453 4.39 -12.18 7.99
CA CYS B 453 4.78 -12.68 6.66
C CYS B 453 6.10 -13.47 6.63
N GLU B 454 7.08 -13.16 7.50
CA GLU B 454 8.23 -14.04 7.77
C GLU B 454 7.82 -15.39 8.41
N TYR B 455 6.99 -15.39 9.46
CA TYR B 455 6.42 -16.58 10.09
C TYR B 455 5.64 -17.44 9.09
N LEU B 456 4.66 -16.86 8.39
CA LEU B 456 3.84 -17.56 7.38
C LEU B 456 4.60 -18.03 6.11
N ALA B 457 5.51 -17.23 5.53
CA ALA B 457 6.32 -17.66 4.38
C ALA B 457 7.30 -18.81 4.75
N GLU B 458 7.88 -18.81 5.96
CA GLU B 458 8.83 -19.83 6.42
C GLU B 458 8.18 -20.98 7.25
N ALA B 459 6.97 -20.80 7.81
CA ALA B 459 6.34 -21.87 8.59
C ALA B 459 6.10 -23.07 7.70
N THR B 460 6.31 -24.28 8.22
CA THR B 460 6.05 -25.58 7.57
C THR B 460 5.22 -26.49 8.49
N GLU B 461 4.75 -27.63 7.99
CA GLU B 461 3.98 -28.58 8.78
C GLU B 461 4.76 -29.18 9.97
N SER B 462 6.05 -29.49 9.81
CA SER B 462 6.90 -29.96 10.90
C SER B 462 7.25 -28.85 11.89
N SER B 463 7.46 -27.61 11.45
CA SER B 463 7.68 -26.48 12.36
C SER B 463 6.43 -26.18 13.20
N MET B 464 5.24 -26.18 12.60
CA MET B 464 3.98 -26.00 13.35
C MET B 464 3.64 -27.22 14.21
N GLY B 465 4.03 -28.44 13.81
CA GLY B 465 3.89 -29.62 14.67
C GLY B 465 4.69 -29.51 15.97
N GLN B 466 5.95 -29.09 15.91
CA GLN B 466 6.75 -28.75 17.10
C GLN B 466 6.17 -27.62 17.96
N ALA B 467 5.70 -26.55 17.32
CA ALA B 467 5.15 -25.36 17.99
C ALA B 467 3.95 -25.72 18.86
N LEU B 468 3.02 -26.50 18.31
CA LEU B 468 1.81 -26.95 18.98
C LEU B 468 2.11 -28.02 20.03
N ALA B 469 2.98 -29.00 19.76
CA ALA B 469 3.38 -30.07 20.68
C ALA B 469 4.10 -29.52 21.94
N LEU B 470 4.93 -28.48 21.80
CA LEU B 470 5.58 -27.82 22.95
C LEU B 470 4.57 -27.05 23.84
N LEU B 471 3.60 -26.34 23.26
CA LEU B 471 2.55 -25.68 24.02
C LEU B 471 1.56 -26.64 24.70
N TRP B 472 1.13 -27.73 24.05
CA TRP B 472 0.15 -28.69 24.58
C TRP B 472 0.46 -30.15 24.21
#